data_7JZV
#
_entry.id   7JZV
#
loop_
_entity.id
_entity.type
_entity.pdbx_description
1 polymer 'BRCA1,Ubiquitin-conjugating enzyme E2 D3'
2 polymer 'BRCA1-associated RING domain protein 1'
3 polymer 'Histone H2A type 2-A'
4 polymer 'Histone H2B type 1-K'
5 polymer 'Histone H3.2'
6 polymer 'Histone H4'
7 polymer 'Widom 601 153-bp'
8 polymer 'Widom 601 153-bp'
9 non-polymer 'ZINC ION'
#
loop_
_entity_poly.entity_id
_entity_poly.type
_entity_poly.pdbx_seq_one_letter_code
_entity_poly.pdbx_strand_id
1 'polypeptide(L)'
;GPDLSALRVEEVQNVINAMQKILECPICLELIKEPVSTKCDHIFCKFCMLKLLNQKKGPSQCPLCKNDITKRSLQESTRF
SQLVEELLKIICAFQLDTGLEYANSGSGSGSGALKRINKELSDLARDPPAQCSAGPVGDDMFHWQATIMGPNDSPYQGGV
FFLTIHFPTDYPFKPPKVAFTTRIYHPNINSNGSIKLDILRSQWSPALTISKVLLSICSLLCDPNPDDPLVPEIARIYKT
DRDKYNRISREWTQKYAM
;
A
2 'polypeptide(L)'
;MEPDGRGAWAHSRAALDRLEKLLRCSRCTNILREPVCLGGCEHIFCSNCVSDCIGTGCPVCYTPAWIQDLKINRQLDSMI
QLCSKLRNLLHDNELSDLKEDKPRKSLFNDAGNKK
;
B
3 'polypeptide(L)'
;GAMGSGRGKQGGKARAKAKSRSSRAGLQFPVGRVHRLLRKGNYAERVGAGAPVYMAAVLEYLTAEILELAGNAARDNKKT
RIIPRHLQLAIRNDEELNKLLGKVTIAQGGVLPNIQAVLLPKKTESHHKAKGK
;
N,n
4 'polypeptide(L)'
;PEPAKSAPAPKKGSKKAVTKAQKKDGKKRKRSRKESYSVYVYKVLKQVHPDTGISSKAMGIMNSFVNDIFERIAGEASRL
AHYNKRSTITSREIQTAVRLLLPGELAKHAVSEGTKAVTKYTSAK
;
O,o
5 'polypeptide(L)'
;ARTKQTARKSTGGKAPRKQLATKAARKSAPATGGVKKPHRYRPGTVALREIRRYQKSTELLIRKLPFQRLVREIAQDFKT
DLRFQSSAVMALQEASEAYLVGLFEDTNLAAIHAKRVTIMPKDIQLARRIRGERA
;
P,p
6 'polypeptide(L)'
;SGRGKGGKGLGKGGAKRHRKVLRDNIQGITKPAIRRLARRGGVKRISGLIYEETRGVLKVFLENVIRDAVTYTEHAKRKT
VTAMDVVYALKRQGRTLYGFGG
;
Q,q
7 'polydeoxyribonucleotide'
;(DA)(DT)(DC)(DA)(DC)(DA)(DG)(DG)(DA)(DT)(DG)(DT)(DA)(DT)(DA)(DT)(DA)(DT)(DC)(DT)
(DG)(DA)(DC)(DA)(DC)(DG)(DT)(DG)(DC)(DC)(DT)(DG)(DG)(DA)(DG)(DA)(DC)(DT)(DA)(DG)
(DG)(DG)(DA)(DG)(DT)(DA)(DA)(DT)(DC)(DC)(DC)(DC)(DT)(DT)(DG)(DG)(DC)(DG)(DG)(DT)
(DT)(DA)(DA)(DA)(DA)(DC)(DG)(DC)(DG)(DG)(DG)(DG)(DG)(DA)(DC)(DA)(DG)(DC)(DG)(DC)
(DG)(DT)(DA)(DC)(DG)(DT)(DG)(DC)(DG)(DT)(DT)(DT)(DA)(DA)(DG)(DC)(DG)(DG)(DT)(DG)
(DC)(DT)(DA)(DG)(DA)(DG)(DC)(DT)(DG)(DT)(DC)(DT)(DA)(DC)(DG)(DA)(DC)(DC)(DA)(DA)
(DT)(DT)(DG)(DA)(DG)(DC)(DG)(DG)(DC)(DC)(DT)(DC)(DG)(DG)(DC)(DA)(DC)(DC)(DG)(DG)
(DG)(DA)(DT)(DT)(DC)(DT)(DC)(DC)(DA)(DG)(DG)(DA)(DT)
;
X
8 'polydeoxyribonucleotide'
;(DA)(DT)(DC)(DC)(DT)(DG)(DG)(DA)(DG)(DA)(DA)(DT)(DC)(DC)(DC)(DG)(DG)(DT)(DG)(DC)
(DC)(DG)(DA)(DG)(DG)(DC)(DC)(DG)(DC)(DT)(DC)(DA)(DA)(DT)(DT)(DG)(DG)(DT)(DC)(DG)
(DT)(DA)(DG)(DA)(DC)(DA)(DG)(DC)(DT)(DC)(DT)(DA)(DG)(DC)(DA)(DC)(DC)(DG)(DC)(DT)
(DT)(DA)(DA)(DA)(DC)(DG)(DC)(DA)(DC)(DG)(DT)(DA)(DC)(DG)(DC)(DG)(DC)(DT)(DG)(DT)
(DC)(DC)(DC)(DC)(DC)(DG)(DC)(DG)(DT)(DT)(DT)(DT)(DA)(DA)(DC)(DC)(DG)(DC)(DC)(DA)
(DA)(DG)(DG)(DG)(DG)(DA)(DT)(DT)(DA)(DC)(DT)(DC)(DC)(DC)(DT)(DA)(DG)(DT)(DC)(DT)
(DC)(DC)(DA)(DG)(DG)(DC)(DA)(DC)(DG)(DT)(DG)(DT)(DC)(DA)(DG)(DA)(DT)(DA)(DT)(DA)
(DT)(DA)(DC)(DA)(DT)(DC)(DC)(DT)(DG)(DT)(DG)(DA)(DT)
;
Y
#
# COMPACT_ATOMS: atom_id res chain seq x y z
N ALA A 6 24.01 -43.56 -34.74
CA ALA A 6 23.27 -43.31 -33.50
C ALA A 6 24.21 -43.42 -32.30
N LEU A 7 25.28 -42.64 -32.31
CA LEU A 7 26.26 -42.70 -31.22
C LEU A 7 25.77 -41.92 -30.01
N ARG A 8 24.80 -42.49 -29.31
CA ARG A 8 24.19 -41.88 -28.13
C ARG A 8 23.75 -40.46 -28.43
N VAL A 9 23.20 -40.26 -29.62
CA VAL A 9 22.75 -38.96 -30.07
C VAL A 9 21.44 -38.58 -29.41
N GLU A 10 20.63 -39.59 -29.06
CA GLU A 10 19.37 -39.36 -28.40
C GLU A 10 19.58 -38.74 -27.02
N GLU A 11 20.64 -39.18 -26.34
CA GLU A 11 20.94 -38.68 -25.01
C GLU A 11 21.41 -37.23 -25.07
N VAL A 12 22.25 -36.93 -26.04
CA VAL A 12 22.71 -35.55 -26.24
C VAL A 12 21.53 -34.66 -26.60
N GLN A 13 20.71 -35.16 -27.52
CA GLN A 13 19.52 -34.46 -27.97
C GLN A 13 18.55 -34.18 -26.83
N ASN A 14 18.33 -35.17 -25.98
CA ASN A 14 17.37 -35.00 -24.89
C ASN A 14 17.83 -33.99 -23.85
N VAL A 15 19.14 -33.99 -23.55
CA VAL A 15 19.65 -33.05 -22.57
C VAL A 15 19.60 -31.62 -23.11
N ILE A 16 19.98 -31.44 -24.37
CA ILE A 16 19.91 -30.13 -25.00
C ILE A 16 18.46 -29.68 -25.14
N ASN A 17 17.57 -30.58 -25.54
CA ASN A 17 16.17 -30.23 -25.69
C ASN A 17 15.55 -29.93 -24.33
N ALA A 18 16.02 -30.61 -23.29
CA ALA A 18 15.54 -30.36 -21.94
C ALA A 18 15.90 -28.93 -21.53
N MET A 19 17.07 -28.47 -21.94
CA MET A 19 17.47 -27.11 -21.61
C MET A 19 16.45 -26.13 -22.15
N GLN A 20 16.03 -26.35 -23.40
CA GLN A 20 14.99 -25.51 -23.98
C GLN A 20 13.67 -25.67 -23.22
N LYS A 21 13.35 -26.92 -22.86
CA LYS A 21 12.12 -27.20 -22.13
C LYS A 21 12.04 -26.39 -20.84
N ILE A 22 13.18 -26.22 -20.19
CA ILE A 22 13.22 -25.45 -18.97
C ILE A 22 12.98 -23.97 -19.27
N LEU A 23 13.68 -23.46 -20.26
CA LEU A 23 13.55 -22.06 -20.64
C LEU A 23 12.47 -21.88 -21.71
N GLU A 24 11.23 -22.21 -21.34
CA GLU A 24 10.07 -22.19 -22.23
C GLU A 24 8.85 -21.63 -21.47
N CYS A 25 8.10 -20.69 -22.07
CA CYS A 25 6.99 -20.04 -21.37
C CYS A 25 5.67 -20.84 -21.61
N PRO A 26 4.55 -20.52 -20.90
CA PRO A 26 3.19 -21.05 -21.09
C PRO A 26 2.66 -20.98 -22.53
N ILE A 27 3.02 -19.93 -23.28
CA ILE A 27 2.57 -19.78 -24.66
C ILE A 27 3.55 -20.39 -25.66
N CYS A 28 4.82 -19.99 -25.58
CA CYS A 28 5.87 -20.43 -26.47
C CYS A 28 6.26 -21.86 -26.15
N LEU A 29 6.51 -22.65 -27.19
CA LEU A 29 6.95 -24.02 -27.06
C LEU A 29 8.36 -24.12 -27.63
N GLU A 30 9.12 -23.04 -27.41
CA GLU A 30 10.49 -22.89 -27.88
C GLU A 30 11.29 -22.06 -26.91
N LEU A 31 12.60 -22.05 -27.09
CA LEU A 31 13.48 -21.27 -26.25
C LEU A 31 13.06 -19.81 -26.23
N ILE A 32 12.91 -19.27 -25.03
CA ILE A 32 12.51 -17.88 -24.86
C ILE A 32 13.58 -16.94 -25.37
N LYS A 33 13.20 -16.00 -26.22
CA LYS A 33 14.16 -15.05 -26.80
C LYS A 33 14.17 -13.72 -26.07
N GLU A 34 13.18 -13.49 -25.22
CA GLU A 34 13.07 -12.23 -24.50
C GLU A 34 12.65 -12.42 -23.03
N PRO A 35 13.45 -13.15 -22.25
CA PRO A 35 13.15 -13.60 -20.91
C PRO A 35 13.15 -12.48 -19.87
N VAL A 36 12.21 -12.56 -18.94
CA VAL A 36 12.15 -11.67 -17.79
C VAL A 36 11.90 -12.48 -16.51
N SER A 37 12.55 -12.09 -15.44
CA SER A 37 12.41 -12.79 -14.16
C SER A 37 11.34 -12.16 -13.31
N THR A 38 10.75 -12.96 -12.42
CA THR A 38 9.74 -12.47 -11.50
C THR A 38 10.03 -12.89 -10.06
N LYS A 39 9.10 -12.56 -9.17
CA LYS A 39 9.24 -12.85 -7.73
C LYS A 39 9.39 -14.35 -7.43
N CYS A 40 8.65 -15.18 -8.18
CA CYS A 40 8.64 -16.63 -8.06
C CYS A 40 9.58 -17.30 -9.08
N ASP A 41 9.94 -18.56 -8.83
CA ASP A 41 11.02 -19.25 -9.52
C ASP A 41 10.70 -19.87 -10.90
N HIS A 42 10.55 -19.00 -11.91
CA HIS A 42 10.37 -19.39 -13.32
C HIS A 42 10.29 -18.16 -14.23
N ILE A 43 10.89 -18.30 -15.42
CA ILE A 43 11.11 -17.23 -16.41
C ILE A 43 10.02 -17.18 -17.45
N PHE A 44 9.60 -15.96 -17.77
CA PHE A 44 8.56 -15.73 -18.76
C PHE A 44 9.08 -14.78 -19.84
N CYS A 45 8.38 -14.68 -20.98
CA CYS A 45 8.74 -13.72 -22.04
C CYS A 45 8.17 -12.35 -21.69
N LYS A 46 8.88 -11.28 -22.05
CA LYS A 46 8.39 -9.91 -21.85
C LYS A 46 7.08 -9.68 -22.60
N PHE A 47 7.08 -9.99 -23.89
CA PHE A 47 5.87 -9.83 -24.70
C PHE A 47 4.69 -10.61 -24.15
N CYS A 48 4.90 -11.92 -23.89
CA CYS A 48 3.82 -12.82 -23.49
C CYS A 48 3.19 -12.44 -22.14
N MET A 49 4.04 -12.08 -21.17
CA MET A 49 3.58 -11.71 -19.83
C MET A 49 2.93 -10.35 -19.80
N LEU A 50 3.46 -9.40 -20.56
CA LEU A 50 2.86 -8.08 -20.57
C LEU A 50 1.47 -8.14 -21.16
N LYS A 51 1.29 -8.94 -22.20
CA LYS A 51 -0.03 -9.06 -22.80
C LYS A 51 -1.02 -9.63 -21.81
N LEU A 52 -0.60 -10.61 -21.01
CA LEU A 52 -1.47 -11.20 -20.01
C LEU A 52 -1.83 -10.19 -18.93
N LEU A 53 -0.83 -9.46 -18.47
CA LEU A 53 -1.02 -8.48 -17.41
C LEU A 53 -1.85 -7.29 -17.88
N ASN A 54 -1.88 -7.04 -19.17
CA ASN A 54 -2.57 -5.89 -19.71
C ASN A 54 -4.04 -6.16 -20.01
N GLN A 55 -4.54 -7.32 -19.62
CA GLN A 55 -5.95 -7.62 -19.83
C GLN A 55 -6.78 -7.08 -18.68
N LYS A 56 -8.01 -6.68 -18.96
CA LYS A 56 -8.89 -6.15 -17.92
C LYS A 56 -9.56 -7.25 -17.14
N LYS A 57 -8.75 -8.03 -16.44
CA LYS A 57 -9.21 -9.16 -15.66
C LYS A 57 -8.94 -8.96 -14.17
N GLY A 58 -8.49 -7.74 -13.83
CA GLY A 58 -8.08 -7.46 -12.47
C GLY A 58 -6.71 -8.05 -12.27
N PRO A 59 -6.23 -8.16 -11.04
CA PRO A 59 -4.97 -8.76 -10.66
C PRO A 59 -4.86 -10.13 -11.27
N SER A 60 -3.77 -10.45 -11.92
CA SER A 60 -3.60 -11.75 -12.55
C SER A 60 -2.82 -12.72 -11.68
N GLN A 61 -3.20 -13.99 -11.74
CA GLN A 61 -2.48 -15.05 -11.03
C GLN A 61 -1.39 -15.62 -11.94
N CYS A 62 -0.27 -16.05 -11.35
CA CYS A 62 0.84 -16.62 -12.11
C CYS A 62 0.44 -17.92 -12.82
N PRO A 63 0.63 -18.05 -14.16
CA PRO A 63 0.23 -19.21 -14.94
C PRO A 63 1.00 -20.47 -14.58
N LEU A 64 2.16 -20.32 -13.94
CA LEU A 64 2.95 -21.49 -13.56
C LEU A 64 2.96 -21.85 -12.07
N CYS A 65 2.21 -21.12 -11.22
CA CYS A 65 2.14 -21.43 -9.79
C CYS A 65 0.94 -20.71 -9.19
N LYS A 66 0.71 -20.87 -7.88
CA LYS A 66 -0.47 -20.31 -7.22
C LYS A 66 -0.28 -18.87 -6.79
N ASN A 67 0.93 -18.34 -6.95
CA ASN A 67 1.21 -16.97 -6.55
C ASN A 67 0.69 -16.02 -7.63
N ASP A 68 0.81 -14.72 -7.39
CA ASP A 68 0.31 -13.76 -8.37
C ASP A 68 1.42 -13.09 -9.17
N ILE A 69 1.03 -12.26 -10.12
CA ILE A 69 1.96 -11.55 -10.98
C ILE A 69 1.58 -10.08 -11.19
N THR A 70 2.60 -9.25 -11.32
CA THR A 70 2.44 -7.84 -11.62
C THR A 70 3.48 -7.40 -12.65
N LYS A 71 3.26 -6.25 -13.28
CA LYS A 71 4.25 -5.71 -14.20
C LYS A 71 5.50 -5.30 -13.44
N ARG A 72 5.28 -4.81 -12.24
CA ARG A 72 6.37 -4.41 -11.36
C ARG A 72 6.91 -5.65 -10.68
N SER A 73 8.16 -5.58 -10.23
CA SER A 73 8.84 -6.70 -9.56
C SER A 73 9.52 -7.58 -10.60
N LEU A 74 9.30 -7.26 -11.87
CA LEU A 74 9.91 -8.00 -12.95
C LEU A 74 11.23 -7.35 -13.31
N GLN A 75 12.21 -8.15 -13.69
CA GLN A 75 13.50 -7.60 -14.08
C GLN A 75 14.14 -8.38 -15.22
N GLU A 76 15.02 -7.72 -15.96
CA GLU A 76 15.75 -8.39 -17.02
C GLU A 76 16.32 -9.67 -16.45
N SER A 77 16.05 -10.80 -17.10
CA SER A 77 16.48 -12.08 -16.55
C SER A 77 18.00 -12.15 -16.51
N THR A 78 18.62 -11.33 -17.34
CA THR A 78 20.05 -11.10 -17.36
C THR A 78 20.86 -12.36 -17.57
N ARG A 79 20.96 -13.18 -16.52
CA ARG A 79 21.73 -14.41 -16.59
C ARG A 79 21.08 -15.34 -17.58
N PHE A 80 19.75 -15.35 -17.58
CA PHE A 80 19.03 -16.24 -18.46
C PHE A 80 19.01 -15.70 -19.87
N SER A 81 19.13 -14.40 -20.02
CA SER A 81 19.21 -13.81 -21.35
C SER A 81 20.50 -14.27 -21.98
N GLN A 82 21.54 -14.31 -21.15
CA GLN A 82 22.85 -14.76 -21.58
C GLN A 82 22.83 -16.26 -21.89
N LEU A 83 22.08 -17.04 -21.11
CA LEU A 83 21.96 -18.46 -21.39
C LEU A 83 21.33 -18.66 -22.76
N VAL A 84 20.30 -17.88 -23.07
CA VAL A 84 19.62 -18.04 -24.34
C VAL A 84 20.56 -17.83 -25.50
N GLU A 85 21.35 -16.76 -25.46
CA GLU A 85 22.26 -16.49 -26.57
C GLU A 85 23.23 -17.65 -26.80
N GLU A 86 23.85 -18.14 -25.73
CA GLU A 86 24.81 -19.22 -25.87
C GLU A 86 24.14 -20.52 -26.27
N LEU A 87 22.94 -20.76 -25.74
CA LEU A 87 22.23 -21.97 -26.08
C LEU A 87 21.92 -22.01 -27.58
N LEU A 88 21.61 -20.85 -28.16
CA LEU A 88 21.37 -20.78 -29.59
C LEU A 88 22.64 -21.11 -30.37
N LYS A 89 23.78 -20.68 -29.84
CA LYS A 89 25.07 -20.99 -30.45
C LYS A 89 25.34 -22.49 -30.34
N ILE A 90 24.93 -23.09 -29.23
CA ILE A 90 25.07 -24.53 -29.06
C ILE A 90 24.21 -25.27 -30.07
N ILE A 91 22.99 -24.79 -30.31
CA ILE A 91 22.12 -25.41 -31.30
C ILE A 91 22.79 -25.40 -32.67
N CYS A 92 23.42 -24.29 -33.03
CA CYS A 92 24.17 -24.25 -34.27
C CYS A 92 25.10 -25.45 -34.33
N ALA A 93 25.88 -25.64 -33.26
CA ALA A 93 26.79 -26.78 -33.16
C ALA A 93 26.03 -28.11 -33.14
N PHE A 94 24.89 -28.16 -32.48
CA PHE A 94 24.10 -29.39 -32.34
C PHE A 94 23.77 -30.00 -33.70
N GLN A 95 23.39 -29.17 -34.64
CA GLN A 95 23.06 -29.63 -35.99
C GLN A 95 24.26 -30.28 -36.68
N LEU A 96 25.45 -30.02 -36.18
CA LEU A 96 26.66 -30.61 -36.71
C LEU A 96 27.15 -31.75 -35.81
N ASP A 97 26.78 -31.71 -34.53
CA ASP A 97 27.20 -32.73 -33.56
C ASP A 97 26.40 -34.03 -33.73
N THR A 98 25.08 -33.90 -33.84
CA THR A 98 24.21 -35.06 -33.98
C THR A 98 23.46 -35.03 -35.29
N GLY A 99 23.21 -33.84 -35.81
CA GLY A 99 22.45 -33.68 -37.05
C GLY A 99 20.98 -34.00 -36.85
N LEU A 100 20.52 -33.87 -35.62
CA LEU A 100 19.13 -34.15 -35.27
C LEU A 100 18.36 -32.88 -35.06
N GLU A 101 17.04 -32.99 -35.07
CA GLU A 101 16.17 -31.87 -34.75
C GLU A 101 16.23 -31.55 -33.26
N TYR A 102 15.95 -30.30 -32.91
CA TYR A 102 15.93 -29.90 -31.51
C TYR A 102 14.51 -29.58 -31.06
N ALA A 103 13.54 -30.07 -31.83
CA ALA A 103 12.15 -29.84 -31.53
C ALA A 103 11.29 -30.99 -32.01
N ASN A 104 10.20 -31.25 -31.31
CA ASN A 104 9.27 -32.30 -31.67
C ASN A 104 8.33 -31.84 -32.77
N SER A 105 8.86 -31.74 -33.98
CA SER A 105 8.13 -31.25 -35.14
C SER A 105 7.61 -29.82 -34.95
N GLY A 106 8.43 -28.98 -34.33
CA GLY A 106 8.09 -27.56 -34.16
C GLY A 106 8.45 -26.78 -35.41
N SER A 107 7.87 -27.19 -36.54
CA SER A 107 8.21 -26.64 -37.85
C SER A 107 7.06 -25.89 -38.50
N GLY A 108 6.05 -25.53 -37.71
CA GLY A 108 4.90 -24.80 -38.24
C GLY A 108 5.23 -23.33 -38.44
N SER A 109 4.22 -22.53 -38.76
CA SER A 109 4.43 -21.12 -39.06
C SER A 109 5.11 -20.39 -37.92
N GLY A 110 6.07 -19.54 -38.26
CA GLY A 110 6.87 -18.79 -37.31
C GLY A 110 6.09 -17.72 -36.56
N SER A 111 4.87 -17.42 -37.03
CA SER A 111 4.03 -16.45 -36.33
C SER A 111 3.58 -17.05 -35.00
N GLY A 112 3.63 -18.37 -34.92
CA GLY A 112 3.23 -19.12 -33.75
C GLY A 112 1.78 -19.56 -33.84
N ALA A 113 1.00 -18.97 -34.74
CA ALA A 113 -0.40 -19.33 -34.83
C ALA A 113 -0.53 -20.81 -35.12
N LEU A 114 0.32 -21.31 -36.00
CA LEU A 114 0.28 -22.71 -36.36
C LEU A 114 1.33 -23.51 -35.60
N LYS A 115 2.55 -22.98 -35.47
CA LYS A 115 3.58 -23.73 -34.80
C LYS A 115 3.18 -24.13 -33.38
N ARG A 116 2.50 -23.23 -32.65
CA ARG A 116 2.14 -23.55 -31.28
C ARG A 116 1.16 -24.71 -31.21
N ILE A 117 0.16 -24.70 -32.07
CA ILE A 117 -0.86 -25.74 -32.03
C ILE A 117 -0.28 -27.05 -32.58
N ASN A 118 0.59 -26.96 -33.58
CA ASN A 118 1.19 -28.16 -34.15
C ASN A 118 2.13 -28.81 -33.15
N LYS A 119 2.89 -27.98 -32.45
CA LYS A 119 3.85 -28.48 -31.48
C LYS A 119 3.15 -29.09 -30.27
N GLU A 120 2.07 -28.46 -29.79
CA GLU A 120 1.38 -29.03 -28.65
C GLU A 120 0.79 -30.39 -29.00
N LEU A 121 0.26 -30.53 -30.22
CA LEU A 121 -0.32 -31.80 -30.64
C LEU A 121 0.77 -32.87 -30.76
N SER A 122 1.94 -32.46 -31.23
CA SER A 122 3.07 -33.36 -31.36
C SER A 122 3.49 -33.86 -29.98
N ASP A 123 3.55 -32.95 -29.01
CA ASP A 123 3.88 -33.31 -27.64
C ASP A 123 2.79 -34.19 -27.05
N LEU A 124 1.54 -33.91 -27.40
CA LEU A 124 0.39 -34.66 -26.92
C LEU A 124 0.58 -36.13 -27.26
N ALA A 125 0.98 -36.39 -28.49
CA ALA A 125 1.22 -37.76 -28.94
C ALA A 125 2.26 -38.45 -28.05
N ARG A 126 3.26 -37.71 -27.60
CA ARG A 126 4.28 -38.27 -26.71
C ARG A 126 3.81 -38.31 -25.25
N ASP A 127 2.96 -37.36 -24.88
CA ASP A 127 2.47 -37.26 -23.50
C ASP A 127 1.02 -36.77 -23.49
N PRO A 128 0.05 -37.69 -23.65
CA PRO A 128 -1.39 -37.46 -23.73
C PRO A 128 -1.93 -36.82 -22.45
N PRO A 129 -3.14 -36.29 -22.47
CA PRO A 129 -3.84 -35.66 -21.36
C PRO A 129 -3.84 -36.59 -20.15
N ALA A 130 -3.72 -35.99 -18.96
CA ALA A 130 -3.52 -36.77 -17.74
C ALA A 130 -4.60 -37.84 -17.52
N GLN A 131 -5.85 -37.55 -17.82
CA GLN A 131 -6.92 -38.50 -17.53
C GLN A 131 -7.78 -38.84 -18.74
N CYS A 132 -7.24 -38.67 -19.94
CA CYS A 132 -8.06 -38.93 -21.13
C CYS A 132 -7.24 -39.04 -22.41
N SER A 133 -7.92 -39.36 -23.51
CA SER A 133 -7.25 -39.46 -24.81
C SER A 133 -7.62 -38.29 -25.70
N ALA A 134 -6.68 -37.86 -26.54
CA ALA A 134 -6.93 -36.75 -27.44
C ALA A 134 -6.04 -36.84 -28.69
N GLY A 135 -6.48 -36.17 -29.74
CA GLY A 135 -5.77 -36.12 -31.02
C GLY A 135 -6.55 -35.23 -31.99
N PRO A 136 -6.10 -35.10 -33.24
CA PRO A 136 -6.68 -34.27 -34.28
C PRO A 136 -7.97 -34.87 -34.81
N VAL A 137 -8.86 -34.02 -35.30
CA VAL A 137 -10.08 -34.48 -35.98
C VAL A 137 -9.78 -34.89 -37.41
N GLY A 138 -9.01 -34.06 -38.11
CA GLY A 138 -8.66 -34.34 -39.50
C GLY A 138 -9.12 -33.23 -40.44
N ASP A 139 -9.79 -32.21 -39.91
CA ASP A 139 -10.24 -31.10 -40.75
C ASP A 139 -9.16 -30.03 -40.87
N ASP A 140 -8.42 -29.84 -39.77
CA ASP A 140 -7.36 -28.86 -39.70
C ASP A 140 -6.48 -29.14 -38.48
N MET A 141 -5.42 -28.37 -38.30
CA MET A 141 -4.55 -28.54 -37.14
C MET A 141 -5.10 -27.76 -35.96
N PHE A 142 -6.19 -27.04 -36.22
CA PHE A 142 -6.88 -26.26 -35.21
C PHE A 142 -8.18 -26.92 -34.79
N HIS A 143 -8.41 -28.17 -35.19
CA HIS A 143 -9.63 -28.86 -34.80
C HIS A 143 -9.29 -30.20 -34.17
N TRP A 144 -9.44 -30.30 -32.85
CA TRP A 144 -9.03 -31.51 -32.13
C TRP A 144 -10.21 -32.25 -31.51
N GLN A 145 -10.04 -33.55 -31.35
CA GLN A 145 -11.03 -34.38 -30.70
C GLN A 145 -10.50 -34.97 -29.41
N ALA A 146 -11.41 -35.30 -28.50
CA ALA A 146 -11.02 -35.97 -27.26
C ALA A 146 -12.15 -36.84 -26.71
N THR A 147 -11.76 -37.89 -25.98
CA THR A 147 -12.72 -38.78 -25.32
C THR A 147 -12.46 -38.79 -23.81
N ILE A 148 -13.45 -38.33 -23.03
CA ILE A 148 -13.29 -38.18 -21.59
C ILE A 148 -14.32 -38.91 -20.76
N MET A 149 -13.86 -39.69 -19.78
CA MET A 149 -14.75 -40.40 -18.88
C MET A 149 -15.04 -39.58 -17.61
N GLY A 150 -16.29 -39.66 -17.14
CA GLY A 150 -16.77 -38.97 -15.95
C GLY A 150 -16.13 -39.49 -14.65
N PRO A 151 -15.52 -38.60 -13.85
CA PRO A 151 -14.96 -38.84 -12.52
C PRO A 151 -16.01 -39.33 -11.54
N ASN A 152 -15.56 -40.00 -10.48
CA ASN A 152 -16.45 -40.55 -9.48
C ASN A 152 -17.29 -39.48 -8.79
N ASP A 153 -16.73 -38.29 -8.61
CA ASP A 153 -17.45 -37.23 -7.94
C ASP A 153 -18.32 -36.44 -8.93
N SER A 154 -19.31 -37.12 -9.50
CA SER A 154 -20.14 -36.53 -10.53
C SER A 154 -21.37 -37.40 -10.84
N PRO A 155 -22.51 -36.78 -11.20
CA PRO A 155 -23.71 -37.45 -11.71
C PRO A 155 -23.44 -38.06 -13.07
N TYR A 156 -22.32 -37.65 -13.68
CA TYR A 156 -21.90 -38.11 -14.99
C TYR A 156 -20.93 -39.29 -14.87
N GLN A 157 -20.71 -39.74 -13.64
CA GLN A 157 -19.76 -40.82 -13.38
C GLN A 157 -19.93 -42.01 -14.31
N GLY A 158 -18.83 -42.39 -14.96
CA GLY A 158 -18.82 -43.55 -15.84
C GLY A 158 -19.25 -43.22 -17.26
N GLY A 159 -19.76 -42.01 -17.46
CA GLY A 159 -20.20 -41.59 -18.77
C GLY A 159 -19.00 -41.13 -19.56
N VAL A 160 -19.09 -41.19 -20.88
CA VAL A 160 -17.99 -40.71 -21.71
C VAL A 160 -18.49 -39.74 -22.77
N PHE A 161 -17.88 -38.56 -22.85
CA PHE A 161 -18.28 -37.59 -23.86
C PHE A 161 -17.23 -37.35 -24.91
N PHE A 162 -17.68 -36.94 -26.09
CA PHE A 162 -16.78 -36.66 -27.19
C PHE A 162 -16.71 -35.17 -27.50
N LEU A 163 -15.49 -34.66 -27.58
CA LEU A 163 -15.26 -33.24 -27.85
C LEU A 163 -14.77 -32.96 -29.25
N THR A 164 -15.15 -31.78 -29.74
CA THR A 164 -14.69 -31.20 -30.99
C THR A 164 -14.31 -29.74 -30.76
N ILE A 165 -13.02 -29.48 -30.54
CA ILE A 165 -12.56 -28.15 -30.13
C ILE A 165 -11.87 -27.40 -31.25
N HIS A 166 -12.34 -26.19 -31.53
CA HIS A 166 -11.75 -25.35 -32.57
C HIS A 166 -10.88 -24.25 -31.96
N PHE A 167 -9.62 -24.23 -32.33
CA PHE A 167 -8.67 -23.30 -31.73
C PHE A 167 -8.45 -22.08 -32.61
N PRO A 168 -8.38 -20.86 -32.03
CA PRO A 168 -8.02 -19.62 -32.67
C PRO A 168 -6.53 -19.50 -32.91
N THR A 169 -6.14 -18.58 -33.78
CA THR A 169 -4.73 -18.34 -34.09
C THR A 169 -3.98 -17.68 -32.94
N ASP A 170 -4.72 -17.14 -31.98
CA ASP A 170 -4.12 -16.50 -30.81
C ASP A 170 -4.19 -17.42 -29.59
N TYR A 171 -4.52 -18.68 -29.81
CA TYR A 171 -4.52 -19.69 -28.75
C TYR A 171 -3.08 -19.95 -28.30
N PRO A 172 -2.86 -20.14 -26.99
CA PRO A 172 -3.75 -20.11 -25.84
C PRO A 172 -3.87 -18.77 -25.14
N PHE A 173 -3.72 -17.67 -25.86
CA PHE A 173 -3.91 -16.38 -25.21
C PHE A 173 -5.40 -16.13 -25.05
N LYS A 174 -6.15 -16.51 -26.07
CA LYS A 174 -7.60 -16.44 -26.05
C LYS A 174 -8.16 -17.86 -26.06
N PRO A 175 -9.29 -18.09 -25.39
CA PRO A 175 -9.93 -19.38 -25.21
C PRO A 175 -10.43 -19.96 -26.53
N PRO A 176 -10.36 -21.29 -26.67
CA PRO A 176 -10.85 -22.10 -27.78
C PRO A 176 -12.36 -22.28 -27.75
N LYS A 177 -12.91 -22.66 -28.89
CA LYS A 177 -14.32 -22.98 -28.98
C LYS A 177 -14.57 -24.42 -28.60
N VAL A 178 -14.74 -24.65 -27.31
CA VAL A 178 -14.94 -25.99 -26.79
C VAL A 178 -16.38 -26.41 -27.01
N ALA A 179 -16.57 -27.63 -27.51
CA ALA A 179 -17.91 -28.11 -27.78
C ALA A 179 -18.02 -29.63 -27.67
N PHE A 180 -19.21 -30.09 -27.26
CA PHE A 180 -19.56 -31.49 -27.27
C PHE A 180 -20.33 -31.75 -28.55
N THR A 181 -20.27 -32.97 -29.07
CA THR A 181 -21.07 -33.28 -30.24
C THR A 181 -22.50 -33.65 -29.88
N THR A 182 -22.73 -33.90 -28.59
CA THR A 182 -24.03 -34.28 -28.07
C THR A 182 -24.46 -33.36 -26.93
N ARG A 183 -25.75 -33.03 -26.89
CA ARG A 183 -26.30 -32.19 -25.83
C ARG A 183 -26.32 -32.94 -24.50
N ILE A 184 -25.82 -32.27 -23.48
CA ILE A 184 -25.77 -32.82 -22.13
C ILE A 184 -26.60 -31.97 -21.19
N TYR A 185 -27.35 -32.62 -20.30
CA TYR A 185 -28.18 -31.92 -19.35
C TYR A 185 -27.30 -31.23 -18.32
N HIS A 186 -26.88 -30.01 -18.64
CA HIS A 186 -25.95 -29.25 -17.80
C HIS A 186 -26.12 -27.74 -18.05
N PRO A 187 -26.13 -26.91 -16.99
CA PRO A 187 -26.27 -25.45 -17.03
C PRO A 187 -25.33 -24.75 -18.01
N ASN A 188 -24.15 -25.30 -18.20
CA ASN A 188 -23.15 -24.64 -19.03
C ASN A 188 -22.95 -25.32 -20.38
N ILE A 189 -23.90 -26.16 -20.78
CA ILE A 189 -23.78 -26.83 -22.06
C ILE A 189 -24.95 -26.49 -22.97
N ASN A 190 -24.63 -25.94 -24.12
CA ASN A 190 -25.61 -25.50 -25.11
C ASN A 190 -26.15 -26.69 -25.88
N SER A 191 -27.35 -26.55 -26.42
CA SER A 191 -27.94 -27.61 -27.23
C SER A 191 -27.14 -27.85 -28.51
N ASN A 192 -26.36 -26.85 -28.92
CA ASN A 192 -25.51 -26.98 -30.10
C ASN A 192 -24.12 -27.50 -29.74
N GLY A 193 -23.93 -27.87 -28.47
CA GLY A 193 -22.68 -28.44 -28.00
C GLY A 193 -21.74 -27.44 -27.32
N SER A 194 -21.96 -26.14 -27.50
CA SER A 194 -21.05 -25.13 -26.94
C SER A 194 -20.88 -25.27 -25.43
N ILE A 195 -19.63 -25.17 -24.98
CA ILE A 195 -19.31 -25.30 -23.56
C ILE A 195 -18.78 -24.01 -22.97
N LYS A 196 -19.37 -23.56 -21.87
CA LYS A 196 -18.87 -22.37 -21.19
C LYS A 196 -18.26 -22.75 -19.85
N LEU A 197 -16.93 -22.80 -19.82
CA LEU A 197 -16.21 -23.17 -18.61
C LEU A 197 -15.79 -21.90 -17.91
N ASP A 198 -15.56 -21.98 -16.60
CA ASP A 198 -15.06 -20.81 -15.88
C ASP A 198 -13.75 -20.35 -16.51
N ILE A 199 -12.94 -21.32 -16.91
CA ILE A 199 -11.63 -21.05 -17.45
C ILE A 199 -11.65 -20.46 -18.85
N LEU A 200 -12.81 -20.45 -19.51
CA LEU A 200 -12.85 -19.96 -20.88
C LEU A 200 -13.24 -18.50 -20.99
N ARG A 201 -13.38 -17.81 -19.86
CA ARG A 201 -13.72 -16.39 -19.92
C ARG A 201 -12.71 -15.53 -19.17
N SER A 202 -13.13 -14.95 -18.05
CA SER A 202 -12.26 -14.05 -17.29
C SER A 202 -11.09 -14.79 -16.64
N GLN A 203 -11.22 -16.12 -16.55
CA GLN A 203 -10.17 -16.92 -15.95
C GLN A 203 -9.29 -17.60 -17.01
N TRP A 204 -9.51 -17.29 -18.29
CA TRP A 204 -8.67 -17.90 -19.30
C TRP A 204 -7.28 -17.30 -19.32
N SER A 205 -6.27 -18.14 -19.45
CA SER A 205 -4.90 -17.72 -19.58
C SER A 205 -4.10 -18.85 -20.22
N PRO A 206 -2.87 -18.58 -20.70
CA PRO A 206 -1.89 -19.55 -21.18
C PRO A 206 -1.57 -20.63 -20.15
N ALA A 207 -1.99 -20.42 -18.91
CA ALA A 207 -1.78 -21.39 -17.85
C ALA A 207 -2.41 -22.71 -18.22
N LEU A 208 -3.44 -22.62 -19.04
CA LEU A 208 -4.26 -23.75 -19.43
C LEU A 208 -3.74 -24.43 -20.67
N THR A 209 -3.45 -25.71 -20.52
CA THR A 209 -2.95 -26.54 -21.60
C THR A 209 -4.03 -27.51 -21.98
N ILE A 210 -3.85 -28.24 -23.08
CA ILE A 210 -4.88 -29.18 -23.48
C ILE A 210 -5.22 -30.15 -22.36
N SER A 211 -4.22 -30.57 -21.57
CA SER A 211 -4.50 -31.49 -20.48
C SER A 211 -5.39 -30.81 -19.46
N LYS A 212 -5.03 -29.59 -19.06
CA LYS A 212 -5.78 -28.86 -18.06
C LYS A 212 -7.19 -28.50 -18.54
N VAL A 213 -7.33 -28.18 -19.82
CA VAL A 213 -8.62 -27.79 -20.36
C VAL A 213 -9.56 -28.99 -20.38
N LEU A 214 -9.05 -30.13 -20.80
CA LEU A 214 -9.85 -31.33 -20.86
C LEU A 214 -10.26 -31.76 -19.44
N LEU A 215 -9.36 -31.60 -18.49
CA LEU A 215 -9.65 -31.90 -17.09
C LEU A 215 -10.68 -30.92 -16.53
N SER A 216 -10.58 -29.66 -16.92
CA SER A 216 -11.52 -28.63 -16.47
C SER A 216 -12.95 -28.93 -16.91
N ILE A 217 -13.10 -29.48 -18.10
CA ILE A 217 -14.44 -29.79 -18.60
C ILE A 217 -15.10 -30.82 -17.71
N CYS A 218 -14.38 -31.89 -17.38
CA CYS A 218 -14.97 -32.92 -16.51
C CYS A 218 -15.15 -32.40 -15.09
N SER A 219 -14.30 -31.44 -14.68
CA SER A 219 -14.43 -30.81 -13.38
C SER A 219 -15.73 -30.02 -13.32
N LEU A 220 -16.06 -29.31 -14.39
CA LEU A 220 -17.30 -28.56 -14.44
C LEU A 220 -18.50 -29.50 -14.40
N LEU A 221 -18.39 -30.67 -15.01
CA LEU A 221 -19.48 -31.64 -14.94
C LEU A 221 -19.65 -32.06 -13.47
N CYS A 222 -18.53 -32.18 -12.75
CA CYS A 222 -18.57 -32.52 -11.33
C CYS A 222 -19.25 -31.42 -10.52
N ASP A 223 -18.98 -30.17 -10.88
CA ASP A 223 -19.53 -29.02 -10.17
C ASP A 223 -19.92 -27.87 -11.13
N PRO A 224 -21.16 -27.88 -11.65
CA PRO A 224 -21.74 -26.93 -12.61
C PRO A 224 -21.77 -25.50 -12.11
N ASN A 225 -21.83 -24.54 -13.03
CA ASN A 225 -21.91 -23.12 -12.68
C ASN A 225 -23.08 -22.43 -13.40
N PRO A 226 -24.22 -22.24 -12.73
CA PRO A 226 -25.47 -21.72 -13.27
C PRO A 226 -25.48 -20.20 -13.39
N ASP A 227 -24.35 -19.55 -13.08
CA ASP A 227 -24.28 -18.10 -13.20
C ASP A 227 -23.95 -17.70 -14.63
N ASP A 228 -24.90 -17.04 -15.29
CA ASP A 228 -24.77 -16.70 -16.71
C ASP A 228 -24.55 -17.96 -17.56
N PRO A 229 -25.53 -18.88 -17.56
CA PRO A 229 -25.52 -20.17 -18.18
C PRO A 229 -25.73 -20.06 -19.69
N LEU A 230 -25.50 -21.16 -20.39
CA LEU A 230 -25.83 -21.22 -21.80
C LEU A 230 -27.25 -21.74 -21.97
N VAL A 231 -27.71 -22.52 -20.98
CA VAL A 231 -29.04 -23.09 -21.00
C VAL A 231 -29.80 -22.87 -19.68
N PRO A 232 -30.42 -21.70 -19.52
CA PRO A 232 -31.17 -21.27 -18.34
C PRO A 232 -32.23 -22.29 -17.92
N GLU A 233 -32.75 -23.04 -18.89
CA GLU A 233 -33.78 -24.05 -18.63
C GLU A 233 -33.26 -25.20 -17.76
N ILE A 234 -31.94 -25.35 -17.70
CA ILE A 234 -31.29 -26.35 -16.87
C ILE A 234 -30.65 -25.69 -15.66
N ALA A 235 -30.07 -24.53 -15.88
CA ALA A 235 -29.33 -23.81 -14.85
C ALA A 235 -30.22 -23.47 -13.66
N ARG A 236 -31.48 -23.13 -13.92
CA ARG A 236 -32.39 -22.77 -12.84
C ARG A 236 -32.62 -23.94 -11.89
N ILE A 237 -32.67 -25.15 -12.43
CA ILE A 237 -32.89 -26.34 -11.62
C ILE A 237 -31.68 -26.61 -10.74
N TYR A 238 -30.50 -26.55 -11.34
CA TYR A 238 -29.28 -26.77 -10.56
C TYR A 238 -29.13 -25.73 -9.47
N LYS A 239 -29.31 -24.47 -9.81
CA LYS A 239 -29.15 -23.41 -8.84
C LYS A 239 -30.08 -23.56 -7.64
N THR A 240 -31.36 -23.83 -7.91
CA THR A 240 -32.36 -23.86 -6.85
C THR A 240 -32.40 -25.18 -6.07
N ASP A 241 -32.49 -26.30 -6.77
CA ASP A 241 -32.64 -27.59 -6.10
C ASP A 241 -31.31 -28.30 -5.90
N ARG A 242 -30.42 -28.18 -6.88
CA ARG A 242 -29.09 -28.80 -6.87
C ARG A 242 -29.15 -30.33 -6.98
N ASP A 243 -29.77 -30.98 -5.99
CA ASP A 243 -29.88 -32.44 -5.99
C ASP A 243 -30.76 -32.93 -7.13
N LYS A 244 -31.81 -32.17 -7.46
CA LYS A 244 -32.70 -32.55 -8.54
C LYS A 244 -31.93 -32.64 -9.85
N TYR A 245 -31.05 -31.65 -10.06
CA TYR A 245 -30.22 -31.64 -11.25
C TYR A 245 -29.35 -32.88 -11.35
N ASN A 246 -28.68 -33.22 -10.27
CA ASN A 246 -27.77 -34.36 -10.30
C ASN A 246 -28.50 -35.65 -10.68
N ARG A 247 -29.72 -35.82 -10.19
CA ARG A 247 -30.49 -37.02 -10.52
C ARG A 247 -30.87 -37.06 -11.99
N ILE A 248 -31.32 -35.94 -12.53
CA ILE A 248 -31.72 -35.87 -13.93
C ILE A 248 -30.52 -36.03 -14.84
N SER A 249 -29.41 -35.38 -14.49
CA SER A 249 -28.18 -35.44 -15.27
C SER A 249 -27.69 -36.87 -15.36
N ARG A 250 -27.76 -37.58 -14.24
CA ARG A 250 -27.35 -38.99 -14.20
C ARG A 250 -28.18 -39.83 -15.18
N GLU A 251 -29.50 -39.65 -15.15
CA GLU A 251 -30.36 -40.40 -16.05
C GLU A 251 -30.09 -40.06 -17.51
N TRP A 252 -29.85 -38.78 -17.79
CA TRP A 252 -29.55 -38.32 -19.14
C TRP A 252 -28.26 -38.96 -19.64
N THR A 253 -27.23 -38.92 -18.79
CA THR A 253 -25.90 -39.44 -19.11
C THR A 253 -25.96 -40.88 -19.60
N GLN A 254 -26.75 -41.71 -18.96
CA GLN A 254 -26.82 -43.12 -19.32
C GLN A 254 -27.20 -43.35 -20.78
N LYS A 255 -27.82 -42.36 -21.42
CA LYS A 255 -28.22 -42.50 -22.82
C LYS A 255 -27.48 -41.53 -23.75
N TYR A 256 -27.19 -40.33 -23.26
CA TYR A 256 -26.65 -39.27 -24.10
C TYR A 256 -25.24 -38.81 -23.72
N ALA A 257 -24.54 -39.59 -22.90
CA ALA A 257 -23.21 -39.17 -22.45
C ALA A 257 -22.24 -38.81 -23.59
N MET A 258 -22.27 -39.57 -24.71
CA MET A 258 -21.32 -39.44 -25.81
C MET A 258 -21.65 -38.30 -26.77
N MET B 1 35.07 -38.45 -36.69
CA MET B 1 34.13 -37.34 -36.89
C MET B 1 34.61 -36.42 -38.02
N GLU B 2 33.65 -35.76 -38.71
CA GLU B 2 33.89 -34.91 -39.88
C GLU B 2 34.38 -33.50 -39.50
N PRO B 3 35.04 -32.78 -40.43
CA PRO B 3 35.55 -31.42 -40.29
C PRO B 3 34.56 -30.41 -39.71
N ASP B 4 33.27 -30.54 -40.05
CA ASP B 4 32.29 -29.59 -39.54
C ASP B 4 31.79 -30.02 -38.17
N GLY B 5 31.65 -31.33 -38.00
CA GLY B 5 31.19 -31.90 -36.74
C GLY B 5 32.20 -31.65 -35.64
N ARG B 6 33.46 -32.00 -35.89
CA ARG B 6 34.48 -31.89 -34.85
C ARG B 6 34.62 -30.46 -34.35
N GLY B 7 34.45 -29.50 -35.25
CA GLY B 7 34.48 -28.10 -34.88
C GLY B 7 33.32 -27.81 -33.93
N ALA B 8 32.14 -28.28 -34.32
CA ALA B 8 30.94 -28.13 -33.52
C ALA B 8 31.05 -28.80 -32.14
N TRP B 9 31.67 -29.96 -32.09
CA TRP B 9 31.82 -30.67 -30.82
C TRP B 9 32.65 -29.84 -29.86
N ALA B 10 33.76 -29.28 -30.37
CA ALA B 10 34.62 -28.43 -29.55
C ALA B 10 33.88 -27.18 -29.11
N HIS B 11 33.03 -26.64 -29.98
CA HIS B 11 32.23 -25.47 -29.63
C HIS B 11 31.33 -25.74 -28.46
N SER B 12 30.57 -26.84 -28.54
CA SER B 12 29.60 -27.18 -27.51
C SER B 12 30.29 -27.33 -26.16
N ARG B 13 31.48 -27.93 -26.17
CA ARG B 13 32.27 -28.07 -24.95
C ARG B 13 32.63 -26.71 -24.37
N ALA B 14 33.15 -25.82 -25.22
CA ALA B 14 33.54 -24.48 -24.79
C ALA B 14 32.31 -23.70 -24.34
N ALA B 15 31.20 -23.92 -25.01
CA ALA B 15 29.95 -23.25 -24.68
C ALA B 15 29.52 -23.57 -23.26
N LEU B 16 29.71 -24.82 -22.85
CA LEU B 16 29.32 -25.21 -21.51
C LEU B 16 30.09 -24.42 -20.47
N ASP B 17 31.38 -24.21 -20.71
CA ASP B 17 32.18 -23.46 -19.76
C ASP B 17 31.70 -22.01 -19.69
N ARG B 18 31.34 -21.46 -20.85
CA ARG B 18 30.81 -20.10 -20.91
C ARG B 18 29.46 -19.98 -20.21
N LEU B 19 28.64 -21.01 -20.29
CA LEU B 19 27.35 -20.97 -19.60
C LEU B 19 27.59 -20.94 -18.09
N GLU B 20 28.56 -21.71 -17.62
CA GLU B 20 28.85 -21.79 -16.19
C GLU B 20 29.47 -20.50 -15.68
N LYS B 21 30.19 -19.79 -16.55
CA LYS B 21 30.85 -18.53 -16.21
C LYS B 21 29.88 -17.53 -15.56
N LEU B 22 28.59 -17.73 -15.77
CA LEU B 22 27.56 -16.83 -15.27
C LEU B 22 27.47 -16.77 -13.75
N LEU B 23 27.95 -17.80 -13.07
CA LEU B 23 27.87 -17.86 -11.61
C LEU B 23 29.25 -17.69 -10.97
N ARG B 24 29.61 -16.44 -10.61
CA ARG B 24 30.97 -16.20 -10.11
C ARG B 24 31.09 -15.13 -8.99
N CYS B 25 32.05 -15.38 -8.07
CA CYS B 25 32.55 -14.43 -7.06
C CYS B 25 33.99 -14.90 -6.83
N SER B 26 34.68 -14.40 -5.78
CA SER B 26 36.06 -14.84 -5.46
C SER B 26 36.06 -16.30 -4.99
N ARG B 27 34.89 -16.78 -4.61
CA ARG B 27 34.62 -18.13 -4.13
C ARG B 27 33.62 -18.93 -5.01
N CYS B 28 32.66 -18.26 -5.71
CA CYS B 28 31.74 -18.97 -6.62
C CYS B 28 32.63 -19.30 -7.83
N THR B 29 33.45 -20.36 -7.74
CA THR B 29 34.51 -20.64 -8.72
C THR B 29 34.05 -21.61 -9.78
N ASN B 30 32.88 -22.20 -9.56
CA ASN B 30 32.35 -23.17 -10.48
C ASN B 30 30.84 -23.09 -10.45
N ILE B 31 30.18 -23.91 -11.24
CA ILE B 31 28.74 -23.93 -11.22
C ILE B 31 28.28 -24.47 -9.87
N LEU B 32 27.35 -23.77 -9.25
CA LEU B 32 26.93 -24.13 -7.91
C LEU B 32 25.75 -25.08 -7.91
N ARG B 33 25.76 -26.02 -6.97
CA ARG B 33 24.66 -26.96 -6.85
C ARG B 33 23.39 -26.30 -6.32
N GLU B 34 23.56 -25.32 -5.42
CA GLU B 34 22.44 -24.65 -4.80
C GLU B 34 22.61 -23.13 -4.75
N PRO B 35 22.65 -22.47 -5.92
CA PRO B 35 22.98 -21.07 -6.11
C PRO B 35 21.90 -20.15 -5.55
N VAL B 36 22.30 -19.10 -4.85
CA VAL B 36 21.34 -18.14 -4.33
C VAL B 36 21.41 -16.84 -5.10
N CYS B 37 20.25 -16.34 -5.51
CA CYS B 37 20.17 -15.10 -6.27
C CYS B 37 19.61 -13.96 -5.43
N LEU B 38 20.05 -12.75 -5.71
CA LEU B 38 19.49 -11.57 -5.05
C LEU B 38 18.74 -10.69 -6.01
N GLY B 39 17.46 -10.48 -5.73
CA GLY B 39 16.64 -9.67 -6.62
C GLY B 39 17.17 -8.24 -6.63
N GLY B 40 17.13 -7.62 -7.80
CA GLY B 40 17.59 -6.24 -7.95
C GLY B 40 19.04 -6.08 -8.43
N CYS B 41 19.88 -7.13 -8.34
CA CYS B 41 21.29 -7.01 -8.80
C CYS B 41 21.98 -8.34 -9.19
N GLU B 42 21.27 -9.48 -9.11
CA GLU B 42 21.81 -10.81 -9.42
C GLU B 42 22.86 -11.22 -8.36
N HIS B 43 24.17 -11.21 -8.72
CA HIS B 43 25.27 -11.53 -7.81
C HIS B 43 25.05 -12.85 -7.06
N ILE B 44 25.04 -13.96 -7.83
CA ILE B 44 24.74 -15.31 -7.33
C ILE B 44 25.78 -15.78 -6.32
N PHE B 45 25.31 -16.42 -5.25
CA PHE B 45 26.16 -16.79 -4.12
C PHE B 45 26.46 -18.31 -3.98
N CYS B 46 27.68 -18.65 -3.46
CA CYS B 46 28.14 -20.00 -3.04
C CYS B 46 27.18 -20.51 -1.93
N SER B 47 27.30 -21.77 -1.55
CA SER B 47 26.48 -22.34 -0.45
C SER B 47 26.74 -21.65 0.91
N ASN B 48 27.95 -21.12 1.11
CA ASN B 48 28.28 -20.39 2.35
C ASN B 48 28.60 -18.89 2.10
N CYS B 49 28.08 -18.37 0.99
CA CYS B 49 28.27 -17.00 0.44
C CYS B 49 27.06 -16.12 0.81
N VAL B 50 25.86 -16.73 0.77
CA VAL B 50 24.60 -16.05 1.11
C VAL B 50 24.61 -15.61 2.58
N SER B 51 25.30 -16.37 3.41
CA SER B 51 25.40 -16.02 4.82
C SER B 51 26.06 -14.66 5.02
N ASP B 52 26.94 -14.28 4.08
CA ASP B 52 27.63 -13.01 4.21
C ASP B 52 26.77 -11.88 3.66
N CYS B 53 25.99 -12.17 2.63
CA CYS B 53 25.11 -11.15 2.07
C CYS B 53 23.94 -10.90 3.02
N ILE B 54 23.63 -11.87 3.86
CA ILE B 54 22.64 -11.69 4.91
C ILE B 54 23.21 -10.83 6.03
N GLY B 55 24.41 -11.14 6.47
CA GLY B 55 25.07 -10.38 7.52
C GLY B 55 25.32 -8.92 7.13
N THR B 56 25.99 -8.72 5.98
CA THR B 56 26.34 -7.37 5.53
C THR B 56 25.72 -7.00 4.19
N GLY B 57 25.84 -7.87 3.21
CA GLY B 57 25.38 -7.56 1.86
C GLY B 57 26.49 -7.86 0.84
N CYS B 58 26.22 -7.55 -0.45
CA CYS B 58 27.20 -7.76 -1.52
C CYS B 58 28.44 -6.89 -1.27
N PRO B 59 29.70 -7.38 -1.45
CA PRO B 59 30.92 -6.58 -1.43
C PRO B 59 30.85 -5.49 -2.49
N VAL B 60 31.26 -4.27 -2.14
CA VAL B 60 31.23 -3.10 -3.01
C VAL B 60 29.79 -2.63 -3.34
N CYS B 61 28.99 -3.52 -3.94
CA CYS B 61 27.59 -3.30 -4.32
C CYS B 61 26.67 -2.93 -3.12
N TYR B 62 26.71 -3.75 -2.04
CA TYR B 62 25.96 -3.54 -0.79
C TYR B 62 24.49 -3.21 -0.99
N THR B 63 23.81 -3.95 -1.85
CA THR B 63 22.38 -3.72 -2.07
C THR B 63 21.62 -3.82 -0.75
N PRO B 64 20.85 -2.79 -0.37
CA PRO B 64 20.07 -2.69 0.85
C PRO B 64 18.81 -3.52 0.75
N ALA B 65 18.99 -4.83 0.67
CA ALA B 65 17.89 -5.75 0.50
C ALA B 65 17.51 -6.42 1.81
N TRP B 66 16.30 -6.97 1.85
CA TRP B 66 15.86 -7.73 3.00
C TRP B 66 16.23 -9.19 2.80
N ILE B 67 16.25 -9.97 3.87
CA ILE B 67 16.60 -11.38 3.75
C ILE B 67 15.58 -12.17 2.93
N GLN B 68 14.45 -11.55 2.61
CA GLN B 68 13.41 -12.18 1.81
C GLN B 68 13.68 -12.05 0.31
N ASP B 69 14.73 -11.32 -0.04
CA ASP B 69 15.09 -11.09 -1.44
C ASP B 69 16.15 -12.11 -1.88
N LEU B 70 16.44 -13.06 -1.00
CA LEU B 70 17.44 -14.09 -1.25
C LEU B 70 16.84 -15.47 -1.35
N LYS B 71 17.05 -16.12 -2.50
CA LYS B 71 16.48 -17.44 -2.72
C LYS B 71 17.17 -18.18 -3.86
N ILE B 72 17.06 -19.51 -3.83
CA ILE B 72 17.63 -20.37 -4.85
C ILE B 72 16.66 -20.51 -6.00
N ASN B 73 17.14 -20.22 -7.20
CA ASN B 73 16.29 -20.28 -8.38
C ASN B 73 16.19 -21.70 -8.90
N ARG B 74 14.98 -22.25 -8.89
CA ARG B 74 14.72 -23.61 -9.32
C ARG B 74 15.15 -23.83 -10.76
N GLN B 75 15.08 -22.78 -11.56
CA GLN B 75 15.43 -22.90 -12.96
C GLN B 75 16.92 -23.17 -13.11
N LEU B 76 17.73 -22.64 -12.19
CA LEU B 76 19.15 -22.89 -12.27
C LEU B 76 19.40 -24.32 -11.83
N ASP B 77 18.68 -24.77 -10.82
CA ASP B 77 18.87 -26.13 -10.34
C ASP B 77 18.79 -27.11 -11.51
N SER B 78 17.74 -26.97 -12.32
CA SER B 78 17.52 -27.87 -13.43
C SER B 78 18.54 -27.69 -14.55
N MET B 79 18.83 -26.44 -14.91
CA MET B 79 19.78 -26.16 -15.99
C MET B 79 21.17 -26.65 -15.65
N ILE B 80 21.55 -26.50 -14.39
CA ILE B 80 22.85 -26.90 -13.91
C ILE B 80 23.02 -28.41 -14.00
N GLN B 81 22.00 -29.14 -13.60
CA GLN B 81 22.09 -30.59 -13.71
C GLN B 81 22.28 -31.01 -15.16
N LEU B 82 21.58 -30.33 -16.07
CA LEU B 82 21.69 -30.68 -17.49
C LEU B 82 23.05 -30.35 -18.06
N CYS B 83 23.66 -29.24 -17.63
CA CYS B 83 24.95 -28.87 -18.21
C CYS B 83 26.02 -29.86 -17.81
N SER B 84 25.88 -30.45 -16.62
CA SER B 84 26.83 -31.45 -16.19
C SER B 84 26.62 -32.74 -16.97
N LYS B 85 25.34 -33.09 -17.16
CA LYS B 85 25.00 -34.29 -17.91
C LYS B 85 25.48 -34.17 -19.35
N LEU B 86 25.33 -32.98 -19.93
CA LEU B 86 25.72 -32.80 -21.32
C LEU B 86 27.22 -32.86 -21.46
N ARG B 87 27.95 -32.26 -20.53
CA ARG B 87 29.41 -32.29 -20.59
C ARG B 87 29.91 -33.71 -20.78
N ASN B 88 29.41 -34.63 -19.97
CA ASN B 88 29.86 -36.00 -20.05
C ASN B 88 29.40 -36.69 -21.32
N LEU B 89 28.16 -36.44 -21.74
CA LEU B 89 27.64 -37.09 -22.94
C LEU B 89 28.42 -36.68 -24.17
N LEU B 90 28.78 -35.40 -24.26
CA LEU B 90 29.49 -34.93 -25.41
C LEU B 90 30.87 -35.56 -25.47
N HIS B 91 31.51 -35.63 -24.30
CA HIS B 91 32.86 -36.17 -24.24
C HIS B 91 32.91 -37.64 -24.62
N ASP B 92 31.93 -38.42 -24.19
CA ASP B 92 31.93 -39.84 -24.51
C ASP B 92 31.76 -40.08 -26.00
N ASN B 93 30.92 -39.28 -26.65
CA ASN B 93 30.71 -39.47 -28.08
C ASN B 93 31.97 -39.10 -28.86
N GLU B 94 32.63 -38.06 -28.41
CA GLU B 94 33.86 -37.60 -29.04
C GLU B 94 34.95 -38.65 -28.91
N LEU B 95 34.99 -39.33 -27.77
CA LEU B 95 35.97 -40.37 -27.51
C LEU B 95 35.69 -41.64 -28.30
N SER B 96 34.41 -42.02 -28.39
CA SER B 96 34.04 -43.28 -29.02
C SER B 96 34.31 -43.37 -30.52
N ASP B 97 34.09 -42.29 -31.29
CA ASP B 97 34.31 -42.32 -32.75
C ASP B 97 34.56 -40.91 -33.32
N LYS C 19 29.58 19.81 -17.94
CA LYS C 19 28.37 18.99 -17.87
C LYS C 19 27.70 19.16 -16.50
N SER C 20 26.37 18.99 -16.47
CA SER C 20 25.56 19.08 -15.25
C SER C 20 25.65 17.82 -14.42
N ARG C 21 25.20 17.89 -13.17
CA ARG C 21 25.16 16.72 -12.34
C ARG C 21 24.16 15.70 -12.87
N SER C 22 23.06 16.21 -13.42
CA SER C 22 22.02 15.32 -13.93
C SER C 22 22.53 14.54 -15.12
N SER C 23 23.41 15.15 -15.90
CA SER C 23 23.96 14.46 -17.04
C SER C 23 24.82 13.31 -16.58
N ARG C 24 25.71 13.58 -15.63
CA ARG C 24 26.61 12.54 -15.14
C ARG C 24 25.86 11.39 -14.51
N ALA C 25 24.76 11.71 -13.82
CA ALA C 25 23.98 10.72 -13.12
C ALA C 25 23.03 9.96 -14.06
N GLY C 26 22.96 10.37 -15.32
CA GLY C 26 22.06 9.72 -16.25
C GLY C 26 20.60 10.01 -15.93
N LEU C 27 20.33 11.18 -15.37
CA LEU C 27 18.98 11.55 -14.97
C LEU C 27 18.42 12.68 -15.81
N GLN C 28 17.11 12.77 -15.85
CA GLN C 28 16.45 13.87 -16.54
C GLN C 28 16.11 14.98 -15.57
N PHE C 29 15.82 14.61 -14.33
CA PHE C 29 15.48 15.59 -13.32
C PHE C 29 16.70 16.42 -12.94
N PRO C 30 16.48 17.69 -12.58
CA PRO C 30 17.47 18.69 -12.31
C PRO C 30 18.17 18.49 -10.99
N VAL C 31 19.18 17.65 -10.97
CA VAL C 31 19.91 17.39 -9.74
C VAL C 31 20.37 18.70 -9.12
N GLY C 32 20.81 19.63 -9.94
CA GLY C 32 21.25 20.92 -9.44
C GLY C 32 20.13 21.64 -8.67
N ARG C 33 18.90 21.50 -9.13
CA ARG C 33 17.77 22.14 -8.47
C ARG C 33 17.46 21.46 -7.16
N VAL C 34 17.52 20.13 -7.16
CA VAL C 34 17.23 19.39 -5.95
C VAL C 34 18.22 19.79 -4.88
N HIS C 35 19.48 19.94 -5.26
CA HIS C 35 20.49 20.39 -4.32
C HIS C 35 20.05 21.69 -3.68
N ARG C 36 19.69 22.67 -4.52
CA ARG C 36 19.26 23.96 -4.00
C ARG C 36 18.04 23.84 -3.11
N LEU C 37 17.09 23.01 -3.49
CA LEU C 37 15.88 22.89 -2.69
C LEU C 37 16.16 22.29 -1.32
N LEU C 38 17.02 21.29 -1.27
CA LEU C 38 17.32 20.65 0.00
C LEU C 38 18.03 21.61 0.94
N ARG C 39 18.92 22.43 0.39
CA ARG C 39 19.65 23.39 1.19
C ARG C 39 18.74 24.51 1.66
N LYS C 40 18.02 25.12 0.73
CA LYS C 40 17.14 26.24 1.08
C LYS C 40 16.04 25.80 2.01
N GLY C 41 15.56 24.58 1.84
CA GLY C 41 14.45 24.07 2.63
C GLY C 41 14.82 23.78 4.07
N ASN C 42 16.10 23.91 4.40
CA ASN C 42 16.56 23.69 5.77
C ASN C 42 16.14 22.33 6.29
N TYR C 43 16.34 21.29 5.50
CA TYR C 43 16.02 19.96 5.98
C TYR C 43 17.11 19.47 6.92
N ALA C 44 18.31 20.00 6.74
CA ALA C 44 19.43 19.69 7.60
C ALA C 44 20.46 20.78 7.48
N GLU C 45 21.38 20.84 8.42
CA GLU C 45 22.43 21.84 8.34
C GLU C 45 23.25 21.67 7.09
N ARG C 46 23.50 20.43 6.69
CA ARG C 46 24.34 20.18 5.53
C ARG C 46 23.74 19.12 4.61
N VAL C 47 24.01 19.25 3.31
CA VAL C 47 23.55 18.27 2.34
C VAL C 47 24.71 17.67 1.56
N GLY C 48 24.80 16.35 1.58
CA GLY C 48 25.89 15.63 0.94
C GLY C 48 25.80 15.67 -0.57
N ALA C 49 26.94 15.48 -1.23
CA ALA C 49 27.04 15.54 -2.68
C ALA C 49 26.19 14.47 -3.33
N GLY C 50 26.09 13.30 -2.73
CA GLY C 50 25.33 12.23 -3.33
C GLY C 50 23.86 12.31 -2.96
N ALA C 51 23.50 13.23 -2.08
CA ALA C 51 22.14 13.30 -1.61
C ALA C 51 21.17 13.69 -2.74
N PRO C 52 21.37 14.80 -3.46
CA PRO C 52 20.45 15.26 -4.47
C PRO C 52 20.46 14.34 -5.68
N VAL C 53 21.56 13.63 -5.87
CA VAL C 53 21.64 12.72 -6.99
C VAL C 53 20.71 11.56 -6.76
N TYR C 54 20.82 10.98 -5.58
CA TYR C 54 19.98 9.86 -5.24
C TYR C 54 18.52 10.28 -5.28
N MET C 55 18.22 11.42 -4.68
CA MET C 55 16.85 11.87 -4.60
C MET C 55 16.26 12.12 -5.97
N ALA C 56 17.01 12.79 -6.84
CA ALA C 56 16.49 13.09 -8.16
C ALA C 56 16.12 11.80 -8.87
N ALA C 57 16.94 10.79 -8.68
CA ALA C 57 16.67 9.52 -9.33
C ALA C 57 15.34 8.94 -8.86
N VAL C 58 15.04 9.10 -7.58
CA VAL C 58 13.80 8.56 -7.04
C VAL C 58 12.61 9.33 -7.53
N LEU C 59 12.72 10.65 -7.54
CA LEU C 59 11.62 11.47 -7.99
C LEU C 59 11.33 11.20 -9.45
N GLU C 60 12.38 11.01 -10.23
CA GLU C 60 12.22 10.72 -11.64
C GLU C 60 11.60 9.36 -11.85
N TYR C 61 12.05 8.38 -11.08
CA TYR C 61 11.49 7.06 -11.18
C TYR C 61 10.01 7.05 -10.93
N LEU C 62 9.58 7.70 -9.85
CA LEU C 62 8.17 7.72 -9.52
C LEU C 62 7.39 8.45 -10.59
N THR C 63 7.97 9.52 -11.12
CA THR C 63 7.33 10.27 -12.18
C THR C 63 7.11 9.36 -13.38
N ALA C 64 8.13 8.59 -13.74
CA ALA C 64 8.02 7.69 -14.86
C ALA C 64 6.92 6.66 -14.63
N GLU C 65 6.79 6.17 -13.40
CA GLU C 65 5.79 5.16 -13.13
C GLU C 65 4.39 5.71 -13.33
N ILE C 66 4.13 6.90 -12.83
CA ILE C 66 2.81 7.45 -12.98
C ILE C 66 2.54 7.84 -14.42
N LEU C 67 3.53 8.34 -15.12
CA LEU C 67 3.32 8.70 -16.50
C LEU C 67 3.07 7.47 -17.37
N GLU C 68 3.81 6.40 -17.13
CA GLU C 68 3.58 5.21 -17.95
C GLU C 68 2.15 4.75 -17.84
N LEU C 69 1.63 4.72 -16.62
CA LEU C 69 0.27 4.26 -16.44
C LEU C 69 -0.72 5.24 -17.04
N ALA C 70 -0.45 6.54 -16.90
CA ALA C 70 -1.33 7.54 -17.48
C ALA C 70 -1.38 7.37 -18.98
N GLY C 71 -0.25 6.99 -19.55
CA GLY C 71 -0.16 6.76 -20.97
C GLY C 71 -1.12 5.66 -21.38
N ASN C 72 -1.05 4.53 -20.69
CA ASN C 72 -1.92 3.43 -21.03
C ASN C 72 -3.39 3.83 -20.91
N ALA C 73 -3.70 4.65 -19.93
CA ALA C 73 -5.08 5.11 -19.78
C ALA C 73 -5.49 5.92 -21.00
N ALA C 74 -4.57 6.71 -21.53
CA ALA C 74 -4.88 7.51 -22.71
C ALA C 74 -5.19 6.61 -23.88
N ARG C 75 -4.45 5.52 -23.99
CA ARG C 75 -4.68 4.59 -25.09
C ARG C 75 -6.04 3.93 -24.97
N ASP C 76 -6.46 3.63 -23.74
CA ASP C 76 -7.75 3.00 -23.52
C ASP C 76 -8.90 3.87 -24.01
N ASN C 77 -8.75 5.19 -23.85
CA ASN C 77 -9.79 6.11 -24.28
C ASN C 77 -9.53 6.65 -25.68
N LYS C 78 -8.57 6.06 -26.38
CA LYS C 78 -8.24 6.49 -27.74
C LYS C 78 -7.87 7.95 -27.79
N LYS C 79 -7.10 8.40 -26.81
CA LYS C 79 -6.62 9.77 -26.78
C LYS C 79 -5.10 9.78 -26.87
N THR C 80 -4.54 10.90 -27.31
CA THR C 80 -3.09 10.98 -27.40
C THR C 80 -2.54 12.06 -26.49
N ARG C 81 -3.34 12.49 -25.54
CA ARG C 81 -2.93 13.52 -24.61
C ARG C 81 -3.40 13.20 -23.19
N ILE C 82 -2.51 13.39 -22.22
CA ILE C 82 -2.85 13.09 -20.83
C ILE C 82 -3.68 14.19 -20.20
N ILE C 83 -4.77 13.80 -19.56
CA ILE C 83 -5.64 14.73 -18.86
C ILE C 83 -5.73 14.27 -17.41
N PRO C 84 -6.11 15.13 -16.47
CA PRO C 84 -6.21 14.83 -15.06
C PRO C 84 -6.94 13.53 -14.77
N ARG C 85 -7.96 13.21 -15.56
CA ARG C 85 -8.67 11.96 -15.31
C ARG C 85 -7.78 10.78 -15.50
N HIS C 86 -6.89 10.85 -16.46
CA HIS C 86 -6.05 9.71 -16.78
C HIS C 86 -5.03 9.51 -15.70
N LEU C 87 -4.57 10.60 -15.11
CA LEU C 87 -3.63 10.47 -14.00
C LEU C 87 -4.32 9.78 -12.85
N GLN C 88 -5.57 10.13 -12.59
CA GLN C 88 -6.25 9.49 -11.47
C GLN C 88 -6.60 8.04 -11.76
N LEU C 89 -7.04 7.72 -12.97
CA LEU C 89 -7.36 6.34 -13.25
C LEU C 89 -6.12 5.50 -13.08
N ALA C 90 -4.98 6.03 -13.51
CA ALA C 90 -3.73 5.33 -13.29
C ALA C 90 -3.45 5.08 -11.82
N ILE C 91 -3.68 6.07 -10.98
CA ILE C 91 -3.41 5.88 -9.58
C ILE C 91 -4.37 4.90 -8.98
N ARG C 92 -5.64 5.07 -9.25
CA ARG C 92 -6.65 4.25 -8.63
C ARG C 92 -6.60 2.79 -9.02
N ASN C 93 -6.26 2.48 -10.26
CA ASN C 93 -6.16 1.08 -10.63
C ASN C 93 -4.95 0.38 -10.02
N ASP C 94 -3.87 1.10 -9.79
CA ASP C 94 -2.69 0.47 -9.24
C ASP C 94 -2.69 0.50 -7.71
N GLU C 95 -2.80 -0.66 -7.09
CA GLU C 95 -2.90 -0.72 -5.64
C GLU C 95 -1.74 -0.05 -4.92
N GLU C 96 -0.54 -0.19 -5.47
CA GLU C 96 0.67 0.38 -4.88
C GLU C 96 0.63 1.88 -4.77
N LEU C 97 0.13 2.54 -5.82
CA LEU C 97 0.07 3.97 -5.82
C LEU C 97 -1.05 4.41 -4.91
N ASN C 98 -2.11 3.62 -4.83
CA ASN C 98 -3.22 3.93 -3.94
C ASN C 98 -2.77 4.02 -2.48
N LYS C 99 -1.78 3.21 -2.10
CA LYS C 99 -1.29 3.22 -0.75
C LYS C 99 -0.46 4.48 -0.51
N LEU C 100 0.27 4.92 -1.53
CA LEU C 100 1.12 6.10 -1.46
C LEU C 100 0.32 7.41 -1.51
N LEU C 101 -0.67 7.45 -2.38
CA LEU C 101 -1.44 8.67 -2.63
C LEU C 101 -2.89 8.54 -2.18
N GLY C 102 -3.13 7.76 -1.14
CA GLY C 102 -4.49 7.51 -0.67
C GLY C 102 -5.11 8.73 -0.02
N LYS C 103 -4.30 9.74 0.24
CA LYS C 103 -4.77 10.96 0.86
C LYS C 103 -4.76 12.11 -0.14
N VAL C 104 -4.69 11.79 -1.42
CA VAL C 104 -4.61 12.82 -2.45
C VAL C 104 -5.80 12.84 -3.38
N THR C 105 -6.33 14.02 -3.61
CA THR C 105 -7.40 14.21 -4.57
C THR C 105 -6.85 14.84 -5.84
N ILE C 106 -7.17 14.25 -6.97
CA ILE C 106 -6.73 14.78 -8.24
C ILE C 106 -7.83 15.64 -8.83
N ALA C 107 -7.49 16.87 -9.19
CA ALA C 107 -8.49 17.79 -9.70
C ALA C 107 -9.15 17.20 -10.94
N GLN C 108 -10.47 17.27 -10.98
CA GLN C 108 -11.25 16.72 -12.08
C GLN C 108 -10.94 15.25 -12.29
N GLY C 109 -10.58 14.55 -11.23
CA GLY C 109 -10.24 13.14 -11.34
C GLY C 109 -11.47 12.25 -11.35
N GLY C 110 -12.58 12.74 -10.84
CA GLY C 110 -13.78 11.92 -10.74
C GLY C 110 -13.52 10.73 -9.82
N VAL C 111 -14.10 9.59 -10.15
CA VAL C 111 -13.90 8.37 -9.38
C VAL C 111 -13.64 7.22 -10.30
N LEU C 112 -13.03 6.15 -9.79
CA LEU C 112 -12.86 4.94 -10.55
C LEU C 112 -14.21 4.23 -10.61
N PRO C 113 -14.73 3.90 -11.80
CA PRO C 113 -16.01 3.25 -12.00
C PRO C 113 -16.14 2.00 -11.16
N ASN C 114 -17.27 1.84 -10.51
CA ASN C 114 -17.50 0.71 -9.64
C ASN C 114 -18.95 0.62 -9.17
N ILE C 115 -19.59 -0.50 -9.47
CA ILE C 115 -20.93 -0.76 -8.98
C ILE C 115 -20.94 -2.10 -8.25
N GLN C 116 -21.48 -2.12 -7.04
CA GLN C 116 -21.50 -3.34 -6.26
C GLN C 116 -22.56 -4.31 -6.77
N ALA C 117 -22.28 -5.60 -6.64
CA ALA C 117 -23.13 -6.65 -7.18
C ALA C 117 -24.56 -6.59 -6.65
N VAL C 118 -24.71 -6.16 -5.42
CA VAL C 118 -26.03 -6.12 -4.80
C VAL C 118 -26.94 -5.08 -5.42
N LEU C 119 -26.38 -4.19 -6.23
CA LEU C 119 -27.15 -3.14 -6.86
C LEU C 119 -27.51 -3.50 -8.30
N LEU C 120 -26.98 -4.62 -8.78
CA LEU C 120 -27.12 -4.99 -10.18
C LEU C 120 -28.34 -5.89 -10.42
N PRO C 121 -28.85 -5.96 -11.65
CA PRO C 121 -29.88 -6.87 -12.12
C PRO C 121 -29.45 -8.33 -11.93
N LYS C 122 -30.43 -9.20 -11.71
CA LYS C 122 -30.21 -10.65 -11.53
C LYS C 122 -30.98 -11.44 -12.58
N ARG D 31 11.62 35.41 -13.16
CA ARG D 31 10.71 36.22 -12.37
C ARG D 31 10.47 35.56 -11.00
N SER D 32 9.69 36.22 -10.13
CA SER D 32 9.38 35.74 -8.77
C SER D 32 8.41 34.56 -8.75
N ARG D 33 7.75 34.31 -9.88
CA ARG D 33 6.81 33.21 -9.97
C ARG D 33 7.52 31.89 -9.71
N LYS D 34 6.92 31.04 -8.90
CA LYS D 34 7.52 29.76 -8.55
C LYS D 34 7.76 28.90 -9.78
N GLU D 35 8.96 28.33 -9.85
CA GLU D 35 9.34 27.43 -10.93
C GLU D 35 8.67 26.08 -10.78
N SER D 36 8.57 25.34 -11.88
CA SER D 36 7.94 24.04 -11.86
C SER D 36 8.80 23.05 -12.60
N TYR D 37 8.33 21.82 -12.71
CA TYR D 37 9.12 20.77 -13.33
C TYR D 37 8.55 20.39 -14.67
N SER D 38 7.70 21.23 -15.23
CA SER D 38 7.01 20.86 -16.45
C SER D 38 7.95 20.49 -17.56
N VAL D 39 9.12 21.12 -17.60
CA VAL D 39 10.08 20.81 -18.65
C VAL D 39 10.66 19.41 -18.45
N TYR D 40 10.78 19.00 -17.20
CA TYR D 40 11.38 17.71 -16.92
C TYR D 40 10.35 16.62 -17.05
N VAL D 41 9.11 16.94 -16.73
CA VAL D 41 8.06 15.96 -16.87
C VAL D 41 7.95 15.60 -18.34
N TYR D 42 8.05 16.60 -19.21
CA TYR D 42 8.04 16.31 -20.63
C TYR D 42 9.15 15.37 -21.01
N LYS D 43 10.36 15.65 -20.56
CA LYS D 43 11.47 14.80 -20.95
C LYS D 43 11.26 13.37 -20.48
N VAL D 44 10.73 13.21 -19.27
CA VAL D 44 10.48 11.87 -18.78
C VAL D 44 9.44 11.18 -19.61
N LEU D 45 8.36 11.88 -19.95
CA LEU D 45 7.33 11.23 -20.73
C LEU D 45 7.86 10.82 -22.08
N LYS D 46 8.65 11.65 -22.72
CA LYS D 46 9.14 11.33 -24.04
C LYS D 46 10.01 10.08 -24.04
N GLN D 47 10.71 9.82 -22.95
CA GLN D 47 11.56 8.63 -22.87
C GLN D 47 10.79 7.40 -22.41
N VAL D 48 9.51 7.56 -22.13
CA VAL D 48 8.69 6.47 -21.65
C VAL D 48 7.55 6.12 -22.58
N HIS D 49 6.81 7.14 -22.98
CA HIS D 49 5.59 6.96 -23.75
C HIS D 49 5.47 8.05 -24.82
N PRO D 50 6.39 8.07 -25.81
CA PRO D 50 6.72 9.17 -26.70
C PRO D 50 5.61 9.57 -27.65
N ASP D 51 4.61 8.72 -27.78
CA ASP D 51 3.52 8.95 -28.70
C ASP D 51 2.51 10.00 -28.23
N THR D 52 2.53 10.31 -26.93
CA THR D 52 1.49 11.18 -26.38
C THR D 52 2.04 12.47 -25.77
N GLY D 53 1.14 13.43 -25.56
CA GLY D 53 1.48 14.70 -24.93
C GLY D 53 0.79 14.86 -23.57
N ILE D 54 0.96 16.03 -22.95
CA ILE D 54 0.41 16.31 -21.64
C ILE D 54 -0.42 17.58 -21.65
N SER D 55 -1.66 17.52 -21.19
CA SER D 55 -2.47 18.73 -21.10
C SER D 55 -1.94 19.64 -20.00
N SER D 56 -2.24 20.94 -20.07
CA SER D 56 -1.71 21.85 -19.08
C SER D 56 -2.24 21.55 -17.69
N LYS D 57 -3.48 21.07 -17.60
CA LYS D 57 -4.01 20.77 -16.29
C LYS D 57 -3.34 19.53 -15.75
N ALA D 58 -3.12 18.55 -16.62
CA ALA D 58 -2.43 17.35 -16.18
C ALA D 58 -1.05 17.71 -15.71
N MET D 59 -0.43 18.67 -16.35
CA MET D 59 0.90 19.07 -15.96
C MET D 59 0.86 19.65 -14.56
N GLY D 60 -0.19 20.42 -14.27
CA GLY D 60 -0.33 21.02 -12.95
C GLY D 60 -0.41 19.93 -11.89
N ILE D 61 -1.08 18.84 -12.21
CA ILE D 61 -1.18 17.75 -11.27
C ILE D 61 0.20 17.17 -11.02
N MET D 62 0.96 16.98 -12.08
CA MET D 62 2.29 16.43 -11.96
C MET D 62 3.23 17.33 -11.18
N ASN D 63 3.02 18.63 -11.26
CA ASN D 63 3.86 19.53 -10.49
C ASN D 63 3.61 19.37 -9.00
N SER D 64 2.35 19.17 -8.64
CA SER D 64 2.04 18.95 -7.24
C SER D 64 2.60 17.61 -6.80
N PHE D 65 2.50 16.61 -7.67
CA PHE D 65 3.00 15.29 -7.32
C PHE D 65 4.48 15.34 -6.99
N VAL D 66 5.27 15.97 -7.85
CA VAL D 66 6.69 16.02 -7.61
C VAL D 66 7.02 16.75 -6.32
N ASN D 67 6.37 17.88 -6.08
CA ASN D 67 6.64 18.61 -4.85
C ASN D 67 6.11 17.90 -3.62
N ASP D 68 5.04 17.14 -3.76
CA ASP D 68 4.52 16.40 -2.63
C ASP D 68 5.50 15.33 -2.22
N ILE D 69 5.92 14.52 -3.18
CA ILE D 69 6.86 13.45 -2.88
C ILE D 69 8.17 14.04 -2.41
N PHE D 70 8.63 15.09 -3.08
CA PHE D 70 9.87 15.73 -2.67
C PHE D 70 9.81 16.06 -1.21
N GLU D 71 8.74 16.70 -0.78
CA GLU D 71 8.62 17.09 0.62
C GLU D 71 8.57 15.89 1.53
N ARG D 72 7.87 14.84 1.15
CA ARG D 72 7.77 13.71 2.04
C ARG D 72 9.13 13.08 2.26
N ILE D 73 9.89 12.91 1.18
CA ILE D 73 11.19 12.29 1.30
C ILE D 73 12.14 13.18 2.05
N ALA D 74 12.17 14.45 1.69
CA ALA D 74 13.04 15.39 2.35
C ALA D 74 12.66 15.49 3.81
N GLY D 75 11.36 15.43 4.08
CA GLY D 75 10.84 15.50 5.43
C GLY D 75 11.40 14.37 6.27
N GLU D 76 11.31 13.14 5.78
CA GLU D 76 11.82 12.01 6.53
C GLU D 76 13.32 12.07 6.66
N ALA D 77 14.00 12.51 5.61
CA ALA D 77 15.45 12.59 5.70
C ALA D 77 15.84 13.54 6.82
N SER D 78 15.09 14.62 6.96
CA SER D 78 15.36 15.57 8.02
C SER D 78 15.14 14.93 9.38
N ARG D 79 14.00 14.26 9.53
CA ARG D 79 13.67 13.67 10.80
C ARG D 79 14.68 12.62 11.20
N LEU D 80 15.15 11.85 10.23
CA LEU D 80 16.15 10.84 10.51
C LEU D 80 17.43 11.48 10.99
N ALA D 81 17.82 12.58 10.37
CA ALA D 81 19.05 13.23 10.79
C ALA D 81 18.94 13.61 12.25
N HIS D 82 17.77 14.07 12.67
CA HIS D 82 17.61 14.42 14.08
C HIS D 82 17.56 13.20 14.97
N TYR D 83 16.84 12.17 14.53
CA TYR D 83 16.66 10.99 15.35
C TYR D 83 17.97 10.26 15.54
N ASN D 84 18.86 10.34 14.55
CA ASN D 84 20.14 9.66 14.65
C ASN D 84 21.27 10.58 15.05
N LYS D 85 20.93 11.77 15.56
CA LYS D 85 21.97 12.69 16.02
C LYS D 85 23.02 12.97 14.96
N ARG D 86 22.58 13.38 13.76
CA ARG D 86 23.48 13.72 12.68
C ARG D 86 23.10 15.07 12.10
N SER D 87 24.01 15.72 11.39
CA SER D 87 23.71 17.02 10.82
C SER D 87 23.75 17.03 9.30
N THR D 88 24.37 16.01 8.71
CA THR D 88 24.48 15.98 7.25
C THR D 88 23.59 14.90 6.64
N ILE D 89 22.82 15.26 5.64
CA ILE D 89 22.01 14.29 4.91
C ILE D 89 22.78 13.75 3.73
N THR D 90 22.89 12.44 3.65
CA THR D 90 23.59 11.81 2.54
C THR D 90 22.65 10.84 1.85
N SER D 91 23.15 10.18 0.82
CA SER D 91 22.33 9.24 0.10
C SER D 91 21.86 8.13 1.01
N ARG D 92 22.58 7.88 2.09
CA ARG D 92 22.23 6.80 2.97
C ARG D 92 20.94 7.11 3.74
N GLU D 93 20.81 8.35 4.18
CA GLU D 93 19.59 8.76 4.89
C GLU D 93 18.42 8.69 3.96
N ILE D 94 18.63 9.07 2.71
CA ILE D 94 17.55 9.05 1.77
C ILE D 94 17.09 7.62 1.50
N GLN D 95 18.03 6.68 1.33
CA GLN D 95 17.60 5.29 1.15
C GLN D 95 16.61 4.92 2.21
N THR D 96 16.94 5.24 3.45
CA THR D 96 16.07 4.91 4.56
C THR D 96 14.73 5.60 4.41
N ALA D 97 14.75 6.88 4.10
CA ALA D 97 13.51 7.64 3.97
C ALA D 97 12.61 7.07 2.91
N VAL D 98 13.18 6.66 1.79
CA VAL D 98 12.40 6.15 0.70
C VAL D 98 11.76 4.83 1.07
N ARG D 99 12.52 3.93 1.68
CA ARG D 99 11.97 2.64 2.05
C ARG D 99 10.82 2.79 3.04
N LEU D 100 10.91 3.78 3.91
CA LEU D 100 9.82 4.08 4.83
C LEU D 100 8.56 4.63 4.16
N LEU D 101 8.72 5.43 3.11
CA LEU D 101 7.56 6.04 2.46
C LEU D 101 6.91 5.28 1.34
N LEU D 102 7.68 4.60 0.50
CA LEU D 102 7.08 3.97 -0.65
C LEU D 102 6.67 2.54 -0.32
N PRO D 103 5.40 2.18 -0.48
CA PRO D 103 4.81 0.92 -0.14
C PRO D 103 5.17 -0.19 -1.09
N GLY D 104 4.99 -1.40 -0.62
CA GLY D 104 5.08 -2.59 -1.44
C GLY D 104 6.42 -2.77 -2.08
N GLU D 105 6.40 -3.04 -3.38
CA GLU D 105 7.59 -3.30 -4.16
C GLU D 105 8.07 -2.02 -4.81
N LEU D 106 7.34 -0.93 -4.60
CA LEU D 106 7.66 0.30 -5.29
C LEU D 106 9.00 0.78 -4.82
N ALA D 107 9.25 0.67 -3.52
CA ALA D 107 10.52 1.10 -2.99
C ALA D 107 11.64 0.30 -3.58
N LYS D 108 11.44 -0.97 -3.83
CA LYS D 108 12.56 -1.75 -4.29
C LYS D 108 13.08 -1.24 -5.59
N HIS D 109 12.17 -0.87 -6.47
CA HIS D 109 12.59 -0.33 -7.75
C HIS D 109 13.16 1.07 -7.60
N ALA D 110 12.55 1.86 -6.73
CA ALA D 110 13.00 3.22 -6.54
C ALA D 110 14.42 3.24 -5.99
N VAL D 111 14.69 2.37 -5.03
CA VAL D 111 16.02 2.33 -4.46
C VAL D 111 17.01 1.89 -5.49
N SER D 112 16.67 0.88 -6.28
CA SER D 112 17.56 0.42 -7.31
C SER D 112 17.99 1.56 -8.21
N GLU D 113 17.04 2.36 -8.65
CA GLU D 113 17.38 3.47 -9.53
C GLU D 113 18.28 4.45 -8.81
N GLY D 114 17.99 4.66 -7.54
CA GLY D 114 18.78 5.57 -6.73
C GLY D 114 20.23 5.12 -6.66
N THR D 115 20.46 3.86 -6.31
CA THR D 115 21.82 3.38 -6.16
C THR D 115 22.56 3.41 -7.48
N LYS D 116 21.87 3.12 -8.57
CA LYS D 116 22.52 3.16 -9.87
C LYS D 116 22.98 4.56 -10.22
N ALA D 117 22.13 5.54 -9.95
CA ALA D 117 22.46 6.92 -10.27
C ALA D 117 23.68 7.36 -9.47
N VAL D 118 23.71 6.99 -8.20
CA VAL D 118 24.84 7.36 -7.37
C VAL D 118 26.11 6.69 -7.84
N THR D 119 26.00 5.42 -8.18
CA THR D 119 27.15 4.67 -8.64
C THR D 119 27.75 5.32 -9.87
N LYS D 120 26.90 5.65 -10.84
CA LYS D 120 27.39 6.26 -12.07
C LYS D 120 27.98 7.63 -11.80
N TYR D 121 27.31 8.40 -10.96
CA TYR D 121 27.76 9.73 -10.59
C TYR D 121 29.14 9.66 -9.96
N THR D 122 29.30 8.72 -9.04
CA THR D 122 30.55 8.54 -8.32
C THR D 122 31.69 8.20 -9.26
N SER D 123 31.44 7.27 -10.17
CA SER D 123 32.45 6.83 -11.13
C SER D 123 32.85 7.90 -12.16
N ALA D 124 31.88 8.74 -12.56
CA ALA D 124 32.07 9.80 -13.56
C ALA D 124 33.12 10.83 -13.13
N VAL E 46 -24.00 -12.03 32.43
CA VAL E 46 -22.61 -12.32 32.79
C VAL E 46 -21.62 -11.45 31.99
N ALA E 47 -21.78 -11.39 30.66
CA ALA E 47 -20.89 -10.64 29.77
C ALA E 47 -20.82 -9.16 30.11
N LEU E 48 -21.92 -8.58 30.57
CA LEU E 48 -21.93 -7.16 30.88
C LEU E 48 -21.01 -6.86 32.05
N ARG E 49 -20.97 -7.75 33.03
CA ARG E 49 -20.07 -7.56 34.16
C ARG E 49 -18.64 -7.66 33.69
N GLU E 50 -18.41 -8.59 32.77
CA GLU E 50 -17.09 -8.78 32.21
C GLU E 50 -16.64 -7.53 31.49
N ILE E 51 -17.55 -6.90 30.74
CA ILE E 51 -17.22 -5.69 30.02
C ILE E 51 -16.79 -4.61 30.99
N ARG E 52 -17.56 -4.42 32.06
CA ARG E 52 -17.24 -3.38 33.01
C ARG E 52 -15.85 -3.58 33.61
N ARG E 53 -15.53 -4.82 33.95
CA ARG E 53 -14.24 -5.11 34.57
C ARG E 53 -13.06 -4.90 33.62
N TYR E 54 -13.21 -5.31 32.38
CA TYR E 54 -12.12 -5.19 31.42
C TYR E 54 -11.93 -3.76 30.94
N GLN E 55 -13.00 -2.99 30.89
CA GLN E 55 -12.88 -1.59 30.51
C GLN E 55 -12.20 -0.79 31.61
N LYS E 56 -12.51 -1.15 32.86
CA LYS E 56 -11.98 -0.47 34.03
C LYS E 56 -10.50 -0.73 34.28
N SER E 57 -10.06 -1.97 34.09
CA SER E 57 -8.67 -2.30 34.41
C SER E 57 -7.71 -1.68 33.41
N THR E 58 -6.45 -1.61 33.81
CA THR E 58 -5.38 -1.05 32.99
C THR E 58 -4.37 -2.09 32.58
N GLU E 59 -4.68 -3.34 32.87
CA GLU E 59 -3.76 -4.43 32.61
C GLU E 59 -3.73 -4.80 31.15
N LEU E 60 -2.59 -5.35 30.73
CA LEU E 60 -2.47 -5.89 29.38
C LEU E 60 -3.32 -7.13 29.28
N LEU E 61 -4.04 -7.26 28.19
CA LEU E 61 -4.94 -8.40 28.04
C LEU E 61 -4.30 -9.59 27.32
N ILE E 62 -3.22 -9.34 26.59
CA ILE E 62 -2.51 -10.43 25.94
C ILE E 62 -1.32 -10.85 26.81
N ARG E 63 -1.17 -12.13 27.04
CA ARG E 63 -0.07 -12.61 27.87
C ARG E 63 1.27 -12.20 27.26
N LYS E 64 2.19 -11.74 28.09
CA LYS E 64 3.42 -11.14 27.60
C LYS E 64 4.31 -12.08 26.81
N LEU E 65 4.57 -13.26 27.33
CA LEU E 65 5.49 -14.15 26.65
C LEU E 65 5.06 -14.50 25.22
N PRO E 66 3.85 -15.04 24.97
CA PRO E 66 3.40 -15.40 23.65
C PRO E 66 3.35 -14.20 22.74
N PHE E 67 3.16 -13.00 23.29
CA PHE E 67 3.17 -11.84 22.43
C PHE E 67 4.58 -11.59 21.94
N GLN E 68 5.55 -11.64 22.85
CA GLN E 68 6.92 -11.40 22.44
C GLN E 68 7.35 -12.40 21.38
N ARG E 69 6.87 -13.63 21.51
CA ARG E 69 7.20 -14.63 20.51
C ARG E 69 6.67 -14.22 19.16
N LEU E 70 5.47 -13.65 19.12
CA LEU E 70 4.89 -13.23 17.85
C LEU E 70 5.70 -12.12 17.23
N VAL E 71 6.16 -11.19 18.06
CA VAL E 71 6.95 -10.09 17.54
C VAL E 71 8.22 -10.59 16.91
N ARG E 72 8.90 -11.51 17.60
CA ARG E 72 10.13 -12.06 17.06
C ARG E 72 9.87 -12.87 15.81
N GLU E 73 8.76 -13.59 15.79
CA GLU E 73 8.45 -14.43 14.66
C GLU E 73 8.34 -13.61 13.39
N ILE E 74 7.78 -12.41 13.52
CA ILE E 74 7.66 -11.50 12.40
C ILE E 74 8.97 -10.79 12.13
N ALA E 75 9.60 -10.28 13.17
CA ALA E 75 10.80 -9.50 13.01
C ALA E 75 11.93 -10.26 12.33
N GLN E 76 12.01 -11.56 12.59
CA GLN E 76 13.09 -12.37 12.03
C GLN E 76 13.01 -12.44 10.52
N ASP E 77 11.88 -12.05 9.95
CA ASP E 77 11.70 -12.11 8.51
C ASP E 77 12.39 -10.95 7.81
N PHE E 78 12.84 -9.97 8.57
CA PHE E 78 13.52 -8.84 7.96
C PHE E 78 15.01 -9.01 8.14
N LYS E 79 15.40 -9.29 9.38
CA LYS E 79 16.79 -9.54 9.69
C LYS E 79 16.92 -10.71 10.63
N THR E 80 18.02 -11.44 10.51
CA THR E 80 18.26 -12.55 11.41
C THR E 80 18.95 -12.06 12.67
N ASP E 81 18.89 -12.85 13.72
CA ASP E 81 19.59 -12.54 14.97
C ASP E 81 19.35 -11.10 15.39
N LEU E 82 18.10 -10.66 15.36
CA LEU E 82 17.76 -9.29 15.71
C LEU E 82 17.30 -9.21 17.16
N ARG E 83 17.87 -8.29 17.92
CA ARG E 83 17.53 -8.14 19.33
C ARG E 83 16.54 -7.03 19.57
N PHE E 84 15.83 -7.10 20.69
CA PHE E 84 14.89 -6.06 21.11
C PHE E 84 15.15 -5.62 22.52
N GLN E 85 14.94 -4.34 22.80
CA GLN E 85 14.92 -3.92 24.19
C GLN E 85 13.64 -4.44 24.80
N SER E 86 13.70 -4.84 26.05
CA SER E 86 12.50 -5.38 26.67
C SER E 86 11.41 -4.34 26.70
N SER E 87 11.80 -3.08 26.74
CA SER E 87 10.84 -2.00 26.74
C SER E 87 10.27 -1.80 25.36
N ALA E 88 11.03 -2.14 24.32
CA ALA E 88 10.55 -1.98 22.96
C ALA E 88 9.38 -2.91 22.70
N VAL E 89 9.48 -4.12 23.23
CA VAL E 89 8.42 -5.09 23.04
C VAL E 89 7.18 -4.63 23.78
N MET E 90 7.37 -4.13 25.01
CA MET E 90 6.26 -3.62 25.78
C MET E 90 5.56 -2.50 25.04
N ALA E 91 6.34 -1.60 24.45
CA ALA E 91 5.76 -0.49 23.72
C ALA E 91 4.94 -0.99 22.57
N LEU E 92 5.46 -2.01 21.89
CA LEU E 92 4.76 -2.55 20.75
C LEU E 92 3.49 -3.25 21.19
N GLN E 93 3.56 -3.99 22.28
CA GLN E 93 2.36 -4.67 22.74
C GLN E 93 1.29 -3.68 23.13
N GLU E 94 1.68 -2.58 23.74
CA GLU E 94 0.69 -1.61 24.17
C GLU E 94 0.00 -1.01 22.96
N ALA E 95 0.77 -0.68 21.93
CA ALA E 95 0.18 -0.12 20.73
C ALA E 95 -0.74 -1.14 20.09
N SER E 96 -0.30 -2.39 20.11
CA SER E 96 -1.06 -3.45 19.49
C SER E 96 -2.41 -3.65 20.14
N GLU E 97 -2.43 -3.71 21.46
CA GLU E 97 -3.69 -3.91 22.13
C GLU E 97 -4.58 -2.70 21.93
N ALA E 98 -4.01 -1.50 21.95
CA ALA E 98 -4.80 -0.31 21.75
C ALA E 98 -5.43 -0.33 20.38
N TYR E 99 -4.67 -0.77 19.39
CA TYR E 99 -5.17 -0.84 18.03
C TYR E 99 -6.37 -1.77 17.93
N LEU E 100 -6.24 -2.98 18.46
CA LEU E 100 -7.32 -3.93 18.35
C LEU E 100 -8.54 -3.49 19.11
N VAL E 101 -8.36 -2.89 20.27
CA VAL E 101 -9.52 -2.45 21.01
C VAL E 101 -10.26 -1.40 20.24
N GLY E 102 -9.54 -0.45 19.66
CA GLY E 102 -10.18 0.58 18.86
C GLY E 102 -10.95 -0.04 17.70
N LEU E 103 -10.34 -1.04 17.06
CA LEU E 103 -11.00 -1.72 15.96
C LEU E 103 -12.25 -2.44 16.42
N PHE E 104 -12.18 -3.08 17.59
CA PHE E 104 -13.35 -3.76 18.10
C PHE E 104 -14.46 -2.78 18.42
N GLU E 105 -14.12 -1.63 18.98
CA GLU E 105 -15.15 -0.65 19.28
C GLU E 105 -15.91 -0.28 18.02
N ASP E 106 -15.18 -0.08 16.91
CA ASP E 106 -15.82 0.24 15.64
C ASP E 106 -16.59 -0.94 15.09
N THR E 107 -16.05 -2.14 15.28
CA THR E 107 -16.71 -3.34 14.81
C THR E 107 -18.04 -3.51 15.51
N ASN E 108 -18.04 -3.27 16.81
CA ASN E 108 -19.25 -3.40 17.59
C ASN E 108 -20.33 -2.49 17.05
N LEU E 109 -19.97 -1.25 16.72
CA LEU E 109 -20.94 -0.32 16.20
C LEU E 109 -21.52 -0.80 14.89
N ALA E 110 -20.68 -1.38 14.04
CA ALA E 110 -21.17 -1.87 12.76
C ALA E 110 -22.20 -2.96 12.98
N ALA E 111 -21.96 -3.86 13.91
CA ALA E 111 -22.89 -4.94 14.16
C ALA E 111 -24.21 -4.41 14.68
N ILE E 112 -24.15 -3.41 15.55
CA ILE E 112 -25.35 -2.82 16.10
C ILE E 112 -26.17 -2.18 15.00
N HIS E 113 -25.49 -1.51 14.10
CA HIS E 113 -26.14 -0.87 12.97
C HIS E 113 -26.95 -1.87 12.15
N ALA E 114 -26.42 -3.07 12.02
CA ALA E 114 -27.07 -4.11 11.24
C ALA E 114 -28.18 -4.80 12.03
N LYS E 115 -28.47 -4.31 13.23
CA LYS E 115 -29.47 -4.89 14.11
C LYS E 115 -29.06 -6.27 14.58
N ARG E 116 -27.77 -6.44 14.83
CA ARG E 116 -27.24 -7.67 15.40
C ARG E 116 -26.46 -7.38 16.67
N VAL E 117 -26.29 -8.39 17.49
CA VAL E 117 -25.52 -8.25 18.71
C VAL E 117 -24.18 -8.92 18.55
N THR E 118 -24.17 -10.04 17.86
CA THR E 118 -22.94 -10.81 17.68
C THR E 118 -22.11 -10.21 16.56
N ILE E 119 -20.83 -10.02 16.78
CA ILE E 119 -19.97 -9.50 15.73
C ILE E 119 -19.48 -10.62 14.81
N MET E 120 -19.49 -10.35 13.51
CA MET E 120 -19.02 -11.29 12.49
C MET E 120 -17.74 -10.77 11.85
N PRO E 121 -16.93 -11.62 11.21
CA PRO E 121 -15.78 -11.26 10.42
C PRO E 121 -16.14 -10.19 9.40
N LYS E 122 -17.37 -10.24 8.91
CA LYS E 122 -17.84 -9.28 7.94
C LYS E 122 -17.84 -7.87 8.52
N ASP E 123 -18.06 -7.77 9.83
CA ASP E 123 -18.15 -6.47 10.48
C ASP E 123 -16.75 -5.92 10.67
N ILE E 124 -15.79 -6.79 10.93
CA ILE E 124 -14.42 -6.32 11.05
C ILE E 124 -13.96 -5.79 9.73
N GLN E 125 -14.27 -6.52 8.66
CA GLN E 125 -13.85 -6.11 7.34
C GLN E 125 -14.44 -4.77 6.96
N LEU E 126 -15.70 -4.54 7.32
CA LEU E 126 -16.30 -3.25 7.04
C LEU E 126 -15.58 -2.16 7.79
N ALA E 127 -15.34 -2.35 9.07
CA ALA E 127 -14.71 -1.32 9.85
C ALA E 127 -13.36 -0.97 9.25
N ARG E 128 -12.63 -1.97 8.81
CA ARG E 128 -11.34 -1.70 8.21
C ARG E 128 -11.49 -1.04 6.86
N ARG E 129 -12.54 -1.38 6.14
CA ARG E 129 -12.76 -0.81 4.82
C ARG E 129 -13.07 0.68 4.90
N ILE E 130 -13.83 1.08 5.90
CA ILE E 130 -14.16 2.49 6.09
C ILE E 130 -12.96 3.24 6.62
N ARG E 131 -12.28 2.67 7.61
CA ARG E 131 -11.09 3.30 8.15
C ARG E 131 -10.07 3.45 7.03
N GLY E 132 -10.05 2.49 6.11
CA GLY E 132 -9.16 2.54 4.96
C GLY E 132 -7.88 1.75 5.19
N GLU E 133 -7.92 0.81 6.14
CA GLU E 133 -6.74 0.01 6.44
C GLU E 133 -6.42 -0.93 5.28
N ARG E 134 -7.46 -1.44 4.64
CA ARG E 134 -7.32 -2.35 3.51
C ARG E 134 -8.30 -1.97 2.40
N ALA E 135 -7.93 -0.97 1.59
CA ALA E 135 -8.80 -0.42 0.54
C ALA E 135 -7.97 0.05 -0.65
N LYS F 16 24.28 -14.82 11.05
CA LYS F 16 25.07 -16.04 11.14
C LYS F 16 24.88 -16.69 12.52
N ARG F 17 24.93 -18.03 12.56
CA ARG F 17 24.82 -18.83 13.80
C ARG F 17 23.56 -18.50 14.63
N HIS F 18 22.44 -18.34 13.95
CA HIS F 18 21.19 -18.05 14.63
C HIS F 18 20.27 -19.25 14.63
N ARG F 19 19.90 -19.71 15.83
CA ARG F 19 18.98 -20.83 15.95
C ARG F 19 17.57 -20.33 15.75
N LYS F 20 17.25 -19.98 14.51
CA LYS F 20 15.95 -19.41 14.19
C LYS F 20 14.85 -20.43 14.39
N VAL F 21 13.72 -19.97 14.91
CA VAL F 21 12.58 -20.82 15.12
C VAL F 21 11.41 -20.41 14.24
N LEU F 22 11.00 -21.32 13.36
CA LEU F 22 9.90 -21.04 12.46
C LEU F 22 8.66 -21.79 12.91
N ARG F 23 7.68 -21.05 13.41
CA ARG F 23 6.48 -21.65 14.00
C ARG F 23 5.24 -20.81 13.74
N ASP F 24 4.08 -21.43 13.90
CA ASP F 24 2.83 -20.69 13.78
C ASP F 24 2.54 -19.99 15.10
N ASN F 25 3.32 -18.97 15.40
CA ASN F 25 3.26 -18.32 16.71
C ASN F 25 2.09 -17.36 16.82
N ILE F 26 1.35 -17.19 15.76
CA ILE F 26 0.16 -16.35 15.82
C ILE F 26 -0.82 -16.99 16.78
N GLN F 27 -0.68 -18.29 16.99
CA GLN F 27 -1.59 -19.02 17.85
C GLN F 27 -1.38 -18.66 19.30
N GLY F 28 -0.33 -17.91 19.58
CA GLY F 28 -0.08 -17.44 20.94
C GLY F 28 -1.18 -16.49 21.38
N ILE F 29 -1.90 -15.94 20.41
CA ILE F 29 -3.01 -15.05 20.73
C ILE F 29 -4.27 -15.88 20.71
N THR F 30 -4.69 -16.30 21.89
CA THR F 30 -5.77 -17.25 22.01
C THR F 30 -7.15 -16.64 22.14
N LYS F 31 -8.15 -17.50 22.22
CA LYS F 31 -9.55 -17.08 22.30
C LYS F 31 -9.82 -16.15 23.48
N PRO F 32 -9.49 -16.52 24.73
CA PRO F 32 -9.53 -15.66 25.88
C PRO F 32 -8.86 -14.30 25.68
N ALA F 33 -7.75 -14.25 24.98
CA ALA F 33 -7.09 -12.97 24.81
C ALA F 33 -7.92 -12.07 23.92
N ILE F 34 -8.41 -12.63 22.84
CA ILE F 34 -9.22 -11.87 21.90
C ILE F 34 -10.54 -11.52 22.55
N ARG F 35 -11.10 -12.45 23.27
CA ARG F 35 -12.35 -12.23 23.96
C ARG F 35 -12.23 -11.05 24.92
N ARG F 36 -11.14 -11.00 25.68
CA ARG F 36 -10.93 -9.91 26.61
C ARG F 36 -10.80 -8.58 25.86
N LEU F 37 -10.07 -8.57 24.76
CA LEU F 37 -9.91 -7.34 23.99
C LEU F 37 -11.25 -6.87 23.47
N ALA F 38 -12.04 -7.80 22.96
CA ALA F 38 -13.34 -7.45 22.42
C ALA F 38 -14.23 -6.90 23.53
N ARG F 39 -14.12 -7.47 24.73
CA ARG F 39 -14.90 -7.00 25.85
C ARG F 39 -14.54 -5.57 26.19
N ARG F 40 -13.26 -5.26 26.18
CA ARG F 40 -12.83 -3.90 26.46
C ARG F 40 -13.45 -2.95 25.44
N GLY F 41 -13.61 -3.43 24.22
CA GLY F 41 -14.23 -2.65 23.16
C GLY F 41 -15.74 -2.55 23.29
N GLY F 42 -16.32 -3.26 24.27
CA GLY F 42 -17.75 -3.22 24.51
C GLY F 42 -18.56 -4.24 23.71
N VAL F 43 -17.91 -5.28 23.20
CA VAL F 43 -18.60 -6.30 22.44
C VAL F 43 -19.34 -7.26 23.37
N LYS F 44 -20.61 -7.51 23.09
CA LYS F 44 -21.36 -8.42 23.96
C LYS F 44 -21.22 -9.88 23.56
N ARG F 45 -21.26 -10.16 22.25
CA ARG F 45 -21.16 -11.54 21.77
C ARG F 45 -20.18 -11.64 20.62
N ILE F 46 -19.42 -12.71 20.59
CA ILE F 46 -18.39 -12.84 19.56
C ILE F 46 -18.58 -14.11 18.73
N SER F 47 -18.70 -13.96 17.42
CA SER F 47 -18.80 -15.13 16.57
C SER F 47 -17.53 -15.93 16.62
N GLY F 48 -17.65 -17.24 16.49
CA GLY F 48 -16.51 -18.13 16.54
C GLY F 48 -15.53 -17.88 15.40
N LEU F 49 -15.98 -17.21 14.35
CA LEU F 49 -15.11 -16.95 13.21
C LEU F 49 -14.22 -15.75 13.46
N ILE F 50 -14.54 -14.95 14.46
CA ILE F 50 -13.79 -13.74 14.75
C ILE F 50 -12.37 -14.04 15.11
N TYR F 51 -12.17 -15.08 15.89
CA TYR F 51 -10.85 -15.38 16.38
C TYR F 51 -9.88 -15.51 15.22
N GLU F 52 -10.29 -16.18 14.16
CA GLU F 52 -9.41 -16.36 13.03
C GLU F 52 -9.16 -15.03 12.34
N GLU F 53 -10.21 -14.23 12.23
CA GLU F 53 -10.12 -12.96 11.52
C GLU F 53 -9.24 -11.98 12.28
N THR F 54 -9.40 -11.96 13.59
CA THR F 54 -8.68 -11.03 14.43
C THR F 54 -7.20 -11.27 14.38
N ARG F 55 -6.81 -12.52 14.44
CA ARG F 55 -5.40 -12.84 14.38
C ARG F 55 -4.81 -12.35 13.08
N GLY F 56 -5.56 -12.51 12.00
CA GLY F 56 -5.09 -12.04 10.70
C GLY F 56 -4.84 -10.54 10.72
N VAL F 57 -5.79 -9.79 11.24
CA VAL F 57 -5.65 -8.35 11.30
C VAL F 57 -4.46 -7.94 12.15
N LEU F 58 -4.31 -8.57 13.29
CA LEU F 58 -3.20 -8.24 14.17
C LEU F 58 -1.87 -8.45 13.50
N LYS F 59 -1.71 -9.59 12.83
CA LYS F 59 -0.44 -9.89 12.20
C LYS F 59 -0.06 -8.80 11.22
N VAL F 60 -1.01 -8.35 10.41
CA VAL F 60 -0.71 -7.32 9.44
C VAL F 60 -0.31 -6.03 10.11
N PHE F 61 -1.05 -5.65 11.15
CA PHE F 61 -0.72 -4.44 11.88
C PHE F 61 0.70 -4.49 12.40
N LEU F 62 1.07 -5.59 13.04
CA LEU F 62 2.39 -5.71 13.60
C LEU F 62 3.44 -5.69 12.51
N GLU F 63 3.16 -6.32 11.38
CA GLU F 63 4.13 -6.33 10.31
C GLU F 63 4.45 -4.92 9.87
N ASN F 64 3.45 -4.07 9.80
CA ASN F 64 3.69 -2.69 9.38
C ASN F 64 4.54 -1.93 10.37
N VAL F 65 4.25 -2.10 11.66
CA VAL F 65 4.99 -1.36 12.68
C VAL F 65 6.41 -1.88 12.80
N ILE F 66 6.56 -3.19 12.82
CA ILE F 66 7.86 -3.80 12.95
C ILE F 66 8.73 -3.46 11.76
N ARG F 67 8.18 -3.60 10.55
CA ARG F 67 8.96 -3.29 9.36
C ARG F 67 9.65 -1.94 9.51
N ASP F 68 8.92 -0.94 9.94
CA ASP F 68 9.52 0.37 10.08
C ASP F 68 10.50 0.42 11.24
N ALA F 69 10.14 -0.17 12.37
CA ALA F 69 11.02 -0.11 13.51
C ALA F 69 12.37 -0.74 13.16
N VAL F 70 12.33 -1.82 12.40
CA VAL F 70 13.56 -2.45 12.00
C VAL F 70 14.31 -1.53 11.06
N THR F 71 13.59 -0.93 10.12
CA THR F 71 14.21 -0.03 9.16
C THR F 71 14.97 1.07 9.86
N TYR F 72 14.38 1.67 10.89
CA TYR F 72 15.08 2.72 11.64
C TYR F 72 16.34 2.17 12.29
N THR F 73 16.23 0.97 12.85
CA THR F 73 17.37 0.35 13.51
C THR F 73 18.50 0.13 12.52
N GLU F 74 18.16 -0.35 11.33
CA GLU F 74 19.18 -0.63 10.33
C GLU F 74 19.90 0.65 9.98
N HIS F 75 19.16 1.73 9.89
CA HIS F 75 19.75 3.01 9.58
C HIS F 75 20.82 3.41 10.58
N ALA F 76 20.55 3.13 11.85
CA ALA F 76 21.45 3.52 12.92
C ALA F 76 22.65 2.59 13.02
N LYS F 77 22.68 1.56 12.17
CA LYS F 77 23.73 0.55 12.22
C LYS F 77 23.75 -0.11 13.57
N ARG F 78 22.57 -0.34 14.12
CA ARG F 78 22.46 -1.02 15.39
C ARG F 78 21.84 -2.38 15.17
N LYS F 79 21.98 -3.27 16.14
CA LYS F 79 21.44 -4.60 15.99
C LYS F 79 20.31 -4.84 16.97
N THR F 80 19.93 -3.79 17.69
CA THR F 80 18.87 -3.87 18.68
C THR F 80 17.79 -2.86 18.39
N VAL F 81 16.55 -3.30 18.40
CA VAL F 81 15.44 -2.38 18.21
C VAL F 81 15.11 -1.74 19.53
N THR F 82 15.18 -0.42 19.59
CA THR F 82 14.96 0.26 20.87
C THR F 82 13.56 0.77 20.99
N ALA F 83 13.19 1.18 22.19
CA ALA F 83 11.86 1.70 22.40
C ALA F 83 11.62 2.90 21.51
N MET F 84 12.65 3.70 21.28
CA MET F 84 12.51 4.87 20.45
C MET F 84 12.17 4.52 19.02
N ASP F 85 12.59 3.34 18.57
CA ASP F 85 12.39 2.97 17.19
C ASP F 85 10.98 2.47 16.99
N VAL F 86 10.42 1.84 18.01
CA VAL F 86 9.04 1.42 17.93
C VAL F 86 8.17 2.65 17.91
N VAL F 87 8.49 3.61 18.76
CA VAL F 87 7.70 4.82 18.85
C VAL F 87 7.72 5.59 17.54
N TYR F 88 8.89 5.74 16.93
CA TYR F 88 8.95 6.44 15.66
C TYR F 88 8.17 5.68 14.61
N ALA F 89 8.27 4.36 14.62
CA ALA F 89 7.56 3.55 13.66
C ALA F 89 6.07 3.78 13.76
N LEU F 90 5.57 3.91 14.97
CA LEU F 90 4.15 4.12 15.13
C LEU F 90 3.75 5.49 14.60
N LYS F 91 4.57 6.51 14.86
CA LYS F 91 4.26 7.83 14.34
C LYS F 91 4.23 7.81 12.84
N ARG F 92 5.14 7.06 12.23
CA ARG F 92 5.18 6.93 10.79
C ARG F 92 3.89 6.30 10.27
N GLN F 93 3.29 5.43 11.07
CA GLN F 93 2.04 4.78 10.71
C GLN F 93 0.83 5.64 11.03
N GLY F 94 1.07 6.82 11.57
CA GLY F 94 -0.02 7.74 11.89
C GLY F 94 -0.66 7.49 13.25
N ARG F 95 0.06 6.85 14.15
CA ARG F 95 -0.45 6.59 15.49
C ARG F 95 0.59 6.96 16.52
N THR F 96 0.23 7.73 17.52
CA THR F 96 1.21 8.17 18.49
C THR F 96 1.01 7.54 19.85
N LEU F 97 2.08 6.98 20.40
CA LEU F 97 2.01 6.33 21.70
C LEU F 97 2.81 7.08 22.75
N TYR F 98 2.19 7.35 23.88
CA TYR F 98 2.88 8.02 24.99
C TYR F 98 3.27 7.03 26.07
N GLY F 99 4.42 7.25 26.70
CA GLY F 99 4.81 6.48 27.87
C GLY F 99 6.05 5.62 27.68
N PHE F 100 6.46 5.41 26.44
CA PHE F 100 7.66 4.63 26.20
C PHE F 100 8.77 5.46 25.62
N GLY F 101 8.40 6.58 25.02
CA GLY F 101 9.37 7.46 24.40
C GLY F 101 9.74 8.55 25.39
N GLY F 102 10.05 9.74 24.87
CA GLY F 102 10.46 10.87 25.70
C GLY F 102 10.35 12.17 24.93
N LYS I 19 17.30 38.39 37.19
CA LYS I 19 16.29 37.33 37.11
C LYS I 19 16.43 36.38 35.93
N SER I 20 15.55 35.39 35.85
CA SER I 20 15.49 34.48 34.71
C SER I 20 14.48 34.98 33.69
N ARG I 21 14.52 34.42 32.49
CA ARG I 21 13.56 34.82 31.48
C ARG I 21 12.16 34.34 31.81
N SER I 22 12.06 33.13 32.34
CA SER I 22 10.77 32.59 32.70
C SER I 22 10.20 33.39 33.86
N SER I 23 11.08 33.87 34.74
CA SER I 23 10.63 34.66 35.87
C SER I 23 10.02 35.96 35.38
N ARG I 24 10.70 36.63 34.45
CA ARG I 24 10.18 37.88 33.91
C ARG I 24 8.84 37.67 33.22
N ALA I 25 8.70 36.55 32.52
CA ALA I 25 7.46 36.23 31.83
C ALA I 25 6.41 35.77 32.83
N GLY I 26 6.85 35.26 33.96
CA GLY I 26 5.93 34.76 34.97
C GLY I 26 5.44 33.36 34.61
N LEU I 27 6.28 32.61 33.92
CA LEU I 27 5.95 31.27 33.49
C LEU I 27 6.67 30.22 34.31
N GLN I 28 6.13 29.01 34.32
CA GLN I 28 6.76 27.89 35.01
C GLN I 28 7.67 27.12 34.08
N PHE I 29 7.39 27.17 32.79
CA PHE I 29 8.20 26.47 31.80
C PHE I 29 9.47 27.23 31.48
N PRO I 30 10.54 26.54 31.13
CA PRO I 30 11.87 27.04 30.90
C PRO I 30 12.00 27.79 29.60
N VAL I 31 11.68 29.07 29.61
CA VAL I 31 11.78 29.86 28.40
C VAL I 31 13.14 29.63 27.75
N GLY I 32 14.19 29.59 28.55
CA GLY I 32 15.53 29.41 28.03
C GLY I 32 15.73 28.10 27.27
N ARG I 33 15.08 27.03 27.70
CA ARG I 33 15.25 25.75 27.03
C ARG I 33 14.37 25.67 25.81
N VAL I 34 13.23 26.35 25.86
CA VAL I 34 12.35 26.39 24.72
C VAL I 34 13.08 27.06 23.58
N HIS I 35 13.78 28.14 23.90
CA HIS I 35 14.56 28.86 22.92
C HIS I 35 15.62 27.95 22.31
N ARG I 36 16.33 27.23 23.16
CA ARG I 36 17.36 26.35 22.63
C ARG I 36 16.78 25.32 21.69
N LEU I 37 15.65 24.73 22.04
CA LEU I 37 15.06 23.70 21.19
C LEU I 37 14.61 24.23 19.85
N LEU I 38 14.08 25.45 19.82
CA LEU I 38 13.65 26.01 18.55
C LEU I 38 14.81 26.16 17.59
N ARG I 39 15.99 26.48 18.11
CA ARG I 39 17.15 26.62 17.24
C ARG I 39 17.81 25.28 16.96
N LYS I 40 17.90 24.44 17.98
CA LYS I 40 18.56 23.15 17.86
C LYS I 40 17.83 22.24 16.91
N GLY I 41 16.50 22.34 16.90
CA GLY I 41 15.67 21.51 16.05
C GLY I 41 15.65 22.01 14.61
N ASN I 42 16.33 23.12 14.37
CA ASN I 42 16.41 23.68 13.03
C ASN I 42 15.04 23.92 12.40
N TYR I 43 14.14 24.58 13.12
CA TYR I 43 12.83 24.85 12.58
C TYR I 43 12.86 26.05 11.64
N ALA I 44 13.81 26.94 11.86
CA ALA I 44 14.00 28.12 11.02
C ALA I 44 15.42 28.61 11.17
N GLU I 45 15.85 29.44 10.23
CA GLU I 45 17.19 30.00 10.30
C GLU I 45 17.35 30.88 11.53
N ARG I 46 16.30 31.63 11.87
CA ARG I 46 16.34 32.52 13.02
C ARG I 46 15.12 32.36 13.91
N VAL I 47 15.28 32.64 15.20
CA VAL I 47 14.18 32.62 16.15
C VAL I 47 14.04 33.95 16.85
N GLY I 48 12.85 34.52 16.80
CA GLY I 48 12.60 35.83 17.38
C GLY I 48 12.63 35.78 18.89
N ALA I 49 12.99 36.91 19.50
CA ALA I 49 13.10 37.00 20.95
C ALA I 49 11.78 36.71 21.65
N GLY I 50 10.67 37.07 21.03
CA GLY I 50 9.38 36.85 21.67
C GLY I 50 8.82 35.47 21.36
N ALA I 51 9.50 34.70 20.53
CA ALA I 51 8.99 33.41 20.12
C ALA I 51 8.92 32.40 21.27
N PRO I 52 10.00 32.14 22.01
CA PRO I 52 10.05 31.09 23.00
C PRO I 52 9.18 31.42 24.19
N VAL I 53 8.95 32.71 24.43
CA VAL I 53 8.11 33.09 25.54
C VAL I 53 6.69 32.72 25.27
N TYR I 54 6.22 33.07 24.07
CA TYR I 54 4.86 32.76 23.70
C TYR I 54 4.65 31.26 23.75
N MET I 55 5.57 30.53 23.15
CA MET I 55 5.44 29.09 23.08
C MET I 55 5.41 28.48 24.45
N ALA I 56 6.29 28.93 25.33
CA ALA I 56 6.36 28.38 26.66
C ALA I 56 5.02 28.55 27.38
N ALA I 57 4.39 29.70 27.17
CA ALA I 57 3.12 29.97 27.81
C ALA I 57 2.06 28.98 27.37
N VAL I 58 2.07 28.62 26.11
CA VAL I 58 1.07 27.70 25.59
C VAL I 58 1.29 26.31 26.12
N LEU I 59 2.55 25.89 26.17
CA LEU I 59 2.85 24.57 26.70
C LEU I 59 2.37 24.50 28.12
N GLU I 60 2.59 25.58 28.86
CA GLU I 60 2.14 25.64 30.23
C GLU I 60 0.65 25.57 30.32
N TYR I 61 -0.03 26.34 29.50
CA TYR I 61 -1.47 26.35 29.56
C TYR I 61 -2.02 24.96 29.33
N LEU I 62 -1.58 24.30 28.29
CA LEU I 62 -2.10 22.98 27.98
C LEU I 62 -1.76 21.98 29.07
N THR I 63 -0.56 22.09 29.62
CA THR I 63 -0.16 21.19 30.69
C THR I 63 -1.09 21.36 31.86
N ALA I 64 -1.36 22.60 32.22
CA ALA I 64 -2.24 22.90 33.33
C ALA I 64 -3.64 22.34 33.08
N GLU I 65 -4.12 22.42 31.85
CA GLU I 65 -5.47 21.96 31.58
C GLU I 65 -5.58 20.45 31.77
N ILE I 66 -4.58 19.71 31.32
CA ILE I 66 -4.62 18.27 31.48
C ILE I 66 -4.46 17.88 32.93
N LEU I 67 -3.49 18.47 33.62
CA LEU I 67 -3.25 18.10 34.99
C LEU I 67 -4.44 18.45 35.86
N GLU I 68 -5.07 19.58 35.61
CA GLU I 68 -6.19 19.97 36.44
C GLU I 68 -7.30 18.93 36.34
N LEU I 69 -7.60 18.51 35.13
CA LEU I 69 -8.64 17.53 34.92
C LEU I 69 -8.22 16.16 35.45
N ALA I 70 -6.95 15.82 35.27
CA ALA I 70 -6.47 14.54 35.77
C ALA I 70 -6.55 14.51 37.30
N GLY I 71 -6.26 15.64 37.92
CA GLY I 71 -6.33 15.75 39.36
C GLY I 71 -7.76 15.53 39.81
N ASN I 72 -8.71 16.09 39.08
CA ASN I 72 -10.10 15.92 39.43
C ASN I 72 -10.50 14.46 39.36
N ALA I 73 -10.01 13.76 38.35
CA ALA I 73 -10.29 12.34 38.21
C ALA I 73 -9.77 11.57 39.41
N ALA I 74 -8.57 11.94 39.87
CA ALA I 74 -7.98 11.25 41.01
C ALA I 74 -8.83 11.46 42.25
N ARG I 75 -9.38 12.64 42.43
CA ARG I 75 -10.18 12.91 43.61
C ARG I 75 -11.46 12.07 43.59
N ASP I 76 -12.06 11.93 42.41
CA ASP I 76 -13.27 11.12 42.28
C ASP I 76 -13.03 9.66 42.64
N ASN I 77 -11.83 9.17 42.36
CA ASN I 77 -11.48 7.79 42.66
C ASN I 77 -10.81 7.63 44.02
N LYS I 78 -10.82 8.70 44.81
CA LYS I 78 -10.24 8.69 46.15
C LYS I 78 -8.76 8.38 46.14
N LYS I 79 -8.04 8.94 45.18
CA LYS I 79 -6.60 8.76 45.08
C LYS I 79 -5.89 10.09 45.24
N THR I 80 -4.62 10.05 45.61
CA THR I 80 -3.86 11.28 45.77
C THR I 80 -2.83 11.43 44.67
N ARG I 81 -2.24 10.32 44.27
CA ARG I 81 -1.25 10.35 43.21
C ARG I 81 -1.90 10.06 41.86
N ILE I 82 -1.52 10.81 40.84
CA ILE I 82 -2.04 10.60 39.49
C ILE I 82 -1.40 9.40 38.82
N ILE I 83 -2.23 8.60 38.18
CA ILE I 83 -1.77 7.44 37.45
C ILE I 83 -2.15 7.61 35.99
N PRO I 84 -1.48 6.94 35.04
CA PRO I 84 -1.70 7.03 33.62
C PRO I 84 -3.17 6.94 33.24
N ARG I 85 -3.94 6.13 33.96
CA ARG I 85 -5.35 6.05 33.61
C ARG I 85 -6.08 7.35 33.85
N HIS I 86 -5.67 8.10 34.84
CA HIS I 86 -6.36 9.33 35.14
C HIS I 86 -6.03 10.38 34.09
N LEU I 87 -4.80 10.33 33.59
CA LEU I 87 -4.42 11.27 32.54
C LEU I 87 -5.27 10.98 31.31
N GLN I 88 -5.52 9.71 31.04
CA GLN I 88 -6.33 9.38 29.88
C GLN I 88 -7.80 9.69 30.07
N LEU I 89 -8.34 9.42 31.26
CA LEU I 89 -9.76 9.69 31.44
C LEU I 89 -10.03 11.17 31.30
N ALA I 90 -9.12 12.00 31.81
CA ALA I 90 -9.30 13.43 31.70
C ALA I 90 -9.41 13.83 30.24
N ILE I 91 -8.61 13.21 29.39
CA ILE I 91 -8.66 13.49 27.96
C ILE I 91 -9.93 12.99 27.32
N ARG I 92 -10.30 11.76 27.62
CA ARG I 92 -11.48 11.16 27.00
C ARG I 92 -12.76 11.90 27.36
N ASN I 93 -12.78 12.53 28.53
CA ASN I 93 -13.95 13.26 28.99
C ASN I 93 -13.93 14.73 28.57
N ASP I 94 -12.98 15.11 27.72
CA ASP I 94 -12.83 16.49 27.28
C ASP I 94 -12.82 16.61 25.77
N GLU I 95 -13.87 17.21 25.21
CA GLU I 95 -14.01 17.31 23.77
C GLU I 95 -12.85 18.05 23.15
N GLU I 96 -12.33 19.06 23.84
CA GLU I 96 -11.24 19.84 23.30
C GLU I 96 -9.98 19.00 23.24
N LEU I 97 -9.80 18.15 24.23
CA LEU I 97 -8.62 17.32 24.26
C LEU I 97 -8.77 16.10 23.37
N ASN I 98 -9.99 15.64 23.16
CA ASN I 98 -10.16 14.51 22.26
C ASN I 98 -9.76 14.89 20.85
N LYS I 99 -10.04 16.13 20.47
CA LYS I 99 -9.63 16.58 19.15
C LYS I 99 -8.13 16.75 19.08
N LEU I 100 -7.53 17.26 20.14
CA LEU I 100 -6.10 17.49 20.17
C LEU I 100 -5.29 16.20 20.21
N LEU I 101 -5.70 15.28 21.07
CA LEU I 101 -4.97 14.04 21.28
C LEU I 101 -5.75 12.81 20.83
N GLY I 102 -6.67 12.98 19.90
CA GLY I 102 -7.52 11.89 19.44
C GLY I 102 -6.74 10.72 18.86
N LYS I 103 -5.61 11.00 18.24
CA LYS I 103 -4.80 9.97 17.61
C LYS I 103 -3.74 9.42 18.56
N VAL I 104 -3.78 9.84 19.82
CA VAL I 104 -2.78 9.43 20.78
C VAL I 104 -3.25 8.33 21.72
N THR I 105 -2.40 7.33 21.91
CA THR I 105 -2.65 6.25 22.84
C THR I 105 -1.88 6.48 24.12
N ILE I 106 -2.57 6.38 25.24
CA ILE I 106 -1.91 6.53 26.52
C ILE I 106 -1.62 5.16 27.08
N ALA I 107 -0.35 4.88 27.33
CA ALA I 107 0.02 3.56 27.81
C ALA I 107 -0.74 3.22 29.09
N GLN I 108 -1.32 2.03 29.12
CA GLN I 108 -2.04 1.53 30.28
C GLN I 108 -3.21 2.44 30.64
N GLY I 109 -3.75 3.13 29.65
CA GLY I 109 -4.88 4.02 29.89
C GLY I 109 -6.21 3.29 30.02
N GLY I 110 -6.30 2.10 29.43
CA GLY I 110 -7.58 1.40 29.39
C GLY I 110 -8.51 2.16 28.47
N VAL I 111 -9.81 2.08 28.71
CA VAL I 111 -10.77 2.83 27.89
C VAL I 111 -11.77 3.57 28.74
N LEU I 112 -12.48 4.50 28.13
CA LEU I 112 -13.58 5.17 28.82
C LEU I 112 -14.75 4.20 28.86
N PRO I 113 -15.32 3.88 30.04
CA PRO I 113 -16.39 2.92 30.22
C PRO I 113 -17.55 3.25 29.31
N ASN I 114 -18.09 2.23 28.65
CA ASN I 114 -19.18 2.44 27.71
C ASN I 114 -19.88 1.16 27.30
N ILE I 115 -21.17 1.09 27.61
CA ILE I 115 -22.02 -0.01 27.16
C ILE I 115 -23.23 0.58 26.45
N GLN I 116 -23.50 0.10 25.25
CA GLN I 116 -24.63 0.62 24.48
C GLN I 116 -25.95 0.07 24.99
N ALA I 117 -26.99 0.88 24.90
CA ALA I 117 -28.32 0.54 25.42
C ALA I 117 -28.86 -0.74 24.80
N VAL I 118 -28.51 -0.99 23.56
CA VAL I 118 -29.01 -2.15 22.84
C VAL I 118 -28.47 -3.46 23.39
N LEU I 119 -27.44 -3.37 24.22
CA LEU I 119 -26.81 -4.55 24.78
C LEU I 119 -27.36 -4.88 26.16
N LEU I 120 -28.21 -4.00 26.68
CA LEU I 120 -28.76 -4.15 28.02
C LEU I 120 -30.10 -4.89 28.00
N PRO I 121 -30.47 -5.53 29.13
CA PRO I 121 -31.77 -6.13 29.38
C PRO I 121 -32.89 -5.10 29.25
N LYS I 122 -34.08 -5.58 28.84
CA LYS I 122 -35.27 -4.74 28.67
C LYS I 122 -36.40 -5.24 29.60
N LYS J 30 29.83 11.58 29.81
CA LYS J 30 28.83 10.90 30.65
C LYS J 30 27.81 11.90 31.23
N ARG J 31 26.96 12.45 30.34
CA ARG J 31 25.91 13.41 30.68
C ARG J 31 24.64 13.06 29.91
N SER J 32 23.47 13.31 30.51
CA SER J 32 22.23 13.12 29.76
C SER J 32 22.15 14.11 28.62
N ARG J 33 21.67 13.63 27.48
CA ARG J 33 21.50 14.47 26.30
C ARG J 33 20.03 14.57 25.93
N LYS J 34 19.16 14.14 26.84
CA LYS J 34 17.72 14.14 26.58
C LYS J 34 16.97 15.15 27.44
N GLU J 35 17.29 15.18 28.73
CA GLU J 35 16.61 16.04 29.69
C GLU J 35 15.11 15.77 29.67
N SER J 36 14.36 16.53 30.46
CA SER J 36 12.93 16.34 30.54
C SER J 36 12.26 17.58 31.08
N TYR J 37 10.94 17.55 31.15
CA TYR J 37 10.20 18.65 31.72
C TYR J 37 9.63 18.28 33.06
N SER J 38 10.10 17.17 33.63
CA SER J 38 9.48 16.65 34.83
C SER J 38 9.46 17.64 35.98
N VAL J 39 10.46 18.52 36.04
CA VAL J 39 10.50 19.50 37.11
C VAL J 39 9.45 20.57 36.93
N TYR J 40 9.08 20.84 35.68
CA TYR J 40 8.12 21.89 35.41
C TYR J 40 6.72 21.34 35.56
N VAL J 41 6.56 20.07 35.25
CA VAL J 41 5.27 19.45 35.43
C VAL J 41 4.93 19.46 36.91
N TYR J 42 5.92 19.15 37.76
CA TYR J 42 5.67 19.17 39.19
C TYR J 42 5.19 20.54 39.65
N LYS J 43 5.87 21.60 39.20
CA LYS J 43 5.49 22.92 39.63
C LYS J 43 4.08 23.28 39.20
N VAL J 44 3.74 22.96 37.96
CA VAL J 44 2.41 23.27 37.47
C VAL J 44 1.39 22.47 38.23
N LEU J 45 1.68 21.21 38.48
CA LEU J 45 0.76 20.35 39.19
C LEU J 45 0.42 20.93 40.54
N LYS J 46 1.42 21.39 41.28
CA LYS J 46 1.16 21.91 42.61
C LYS J 46 0.29 23.16 42.56
N GLN J 47 0.47 23.98 41.54
CA GLN J 47 -0.35 25.19 41.47
C GLN J 47 -1.82 24.84 41.30
N VAL J 48 -2.10 23.77 40.56
CA VAL J 48 -3.49 23.38 40.34
C VAL J 48 -4.04 22.47 41.45
N HIS J 49 -3.22 21.55 41.94
CA HIS J 49 -3.63 20.62 42.99
C HIS J 49 -2.50 20.42 44.01
N PRO J 50 -2.32 21.36 44.95
CA PRO J 50 -1.22 21.47 45.89
C PRO J 50 -1.03 20.22 46.75
N ASP J 51 -2.10 19.45 46.95
CA ASP J 51 -2.05 18.27 47.80
C ASP J 51 -1.95 16.95 47.05
N THR J 52 -1.67 17.00 45.75
CA THR J 52 -1.57 15.76 44.97
C THR J 52 -0.18 15.55 44.41
N GLY J 53 0.04 14.36 43.85
CA GLY J 53 1.31 14.02 43.22
C GLY J 53 1.10 13.27 41.92
N ILE J 54 2.19 12.93 41.25
CA ILE J 54 2.11 12.22 39.98
C ILE J 54 3.12 11.07 39.95
N SER J 55 2.69 9.90 39.49
CA SER J 55 3.60 8.75 39.43
C SER J 55 4.62 8.91 38.33
N SER J 56 5.70 8.13 38.40
CA SER J 56 6.75 8.21 37.39
C SER J 56 6.26 7.78 36.01
N LYS J 57 5.31 6.84 35.97
CA LYS J 57 4.76 6.45 34.69
C LYS J 57 3.88 7.55 34.15
N ALA J 58 3.09 8.15 35.02
CA ALA J 58 2.26 9.26 34.62
C ALA J 58 3.12 10.43 34.17
N MET J 59 4.28 10.58 34.81
CA MET J 59 5.22 11.63 34.43
C MET J 59 5.76 11.40 33.04
N GLY J 60 5.99 10.14 32.70
CA GLY J 60 6.46 9.81 31.37
C GLY J 60 5.45 10.25 30.32
N ILE J 61 4.17 10.12 30.66
CA ILE J 61 3.12 10.52 29.74
C ILE J 61 3.13 12.01 29.54
N MET J 62 3.21 12.76 30.63
CA MET J 62 3.20 14.22 30.50
C MET J 62 4.44 14.72 29.81
N ASN J 63 5.57 14.07 30.03
CA ASN J 63 6.79 14.50 29.40
C ASN J 63 6.67 14.35 27.89
N SER J 64 6.16 13.21 27.45
CA SER J 64 5.97 12.97 26.04
C SER J 64 4.97 13.95 25.47
N PHE J 65 3.90 14.21 26.21
CA PHE J 65 2.90 15.15 25.76
C PHE J 65 3.52 16.50 25.45
N VAL J 66 4.35 17.01 26.36
CA VAL J 66 4.97 18.30 26.12
C VAL J 66 5.79 18.29 24.84
N ASN J 67 6.58 17.26 24.62
CA ASN J 67 7.36 17.19 23.40
C ASN J 67 6.50 16.99 22.16
N ASP J 68 5.36 16.35 22.30
CA ASP J 68 4.48 16.19 21.17
C ASP J 68 3.92 17.54 20.76
N ILE J 69 3.40 18.28 21.71
CA ILE J 69 2.85 19.58 21.41
C ILE J 69 3.93 20.50 20.91
N PHE J 70 5.10 20.44 21.54
CA PHE J 70 6.18 21.29 21.11
C PHE J 70 6.45 21.09 19.65
N GLU J 71 6.55 19.84 19.22
CA GLU J 71 6.84 19.55 17.83
C GLU J 71 5.73 20.04 16.92
N ARG J 72 4.49 19.91 17.33
CA ARG J 72 3.41 20.33 16.46
C ARG J 72 3.45 21.83 16.25
N ILE J 73 3.67 22.59 17.33
CA ILE J 73 3.70 24.03 17.21
C ILE J 73 4.91 24.48 16.42
N ALA J 74 6.07 23.92 16.75
CA ALA J 74 7.28 24.27 16.04
C ALA J 74 7.16 23.87 14.59
N GLY J 75 6.48 22.75 14.34
CA GLY J 75 6.25 22.25 12.99
C GLY J 75 5.42 23.22 12.16
N GLU J 76 4.28 23.65 12.70
CA GLU J 76 3.45 24.56 11.94
C GLU J 76 4.12 25.90 11.78
N ALA J 77 4.82 26.35 12.81
CA ALA J 77 5.51 27.63 12.72
C ALA J 77 6.57 27.58 11.63
N SER J 78 7.25 26.45 11.53
CA SER J 78 8.26 26.28 10.50
C SER J 78 7.62 26.36 9.12
N ARG J 79 6.49 25.67 8.96
CA ARG J 79 5.79 25.70 7.69
C ARG J 79 5.31 27.09 7.35
N LEU J 80 4.82 27.83 8.33
CA LEU J 80 4.38 29.20 8.06
C LEU J 80 5.54 30.04 7.59
N ALA J 81 6.72 29.84 8.17
CA ALA J 81 7.86 30.62 7.73
C ALA J 81 8.12 30.39 6.25
N HIS J 82 8.06 29.14 5.81
CA HIS J 82 8.31 28.87 4.40
C HIS J 82 7.16 29.36 3.53
N TYR J 83 5.94 29.16 3.98
CA TYR J 83 4.78 29.51 3.17
C TYR J 83 4.66 31.01 3.00
N ASN J 84 5.14 31.77 3.97
CA ASN J 84 5.07 33.20 3.89
C ASN J 84 6.41 33.85 3.56
N LYS J 85 7.34 33.08 3.01
CA LYS J 85 8.63 33.62 2.60
C LYS J 85 9.34 34.38 3.71
N ARG J 86 9.48 33.76 4.87
CA ARG J 86 10.19 34.33 5.99
C ARG J 86 11.25 33.35 6.49
N SER J 87 12.32 33.88 7.08
CA SER J 87 13.37 33.03 7.59
C SER J 87 13.43 33.05 9.11
N THR J 88 12.53 33.82 9.72
CA THR J 88 12.51 33.95 11.16
C THR J 88 11.15 33.61 11.74
N ILE J 89 11.16 32.80 12.80
CA ILE J 89 9.94 32.49 13.53
C ILE J 89 9.80 33.45 14.70
N THR J 90 8.70 34.19 14.72
CA THR J 90 8.48 35.17 15.77
C THR J 90 7.23 34.80 16.54
N SER J 91 6.86 35.63 17.49
CA SER J 91 5.69 35.33 18.29
C SER J 91 4.43 35.30 17.45
N ARG J 92 4.48 35.93 16.27
CA ARG J 92 3.31 35.95 15.42
C ARG J 92 3.02 34.56 14.84
N GLU J 93 4.07 33.87 14.40
CA GLU J 93 3.90 32.55 13.83
C GLU J 93 3.45 31.57 14.88
N ILE J 94 4.01 31.70 16.07
CA ILE J 94 3.63 30.77 17.12
C ILE J 94 2.15 30.96 17.42
N GLN J 95 1.72 32.21 17.50
CA GLN J 95 0.31 32.49 17.78
C GLN J 95 -0.59 31.86 16.73
N THR J 96 -0.24 32.02 15.47
CA THR J 96 -1.04 31.44 14.40
C THR J 96 -1.05 29.93 14.48
N ALA J 97 0.11 29.35 14.72
CA ALA J 97 0.21 27.90 14.79
C ALA J 97 -0.74 27.35 15.83
N VAL J 98 -0.84 28.05 16.95
CA VAL J 98 -1.74 27.60 18.01
C VAL J 98 -3.18 27.67 17.56
N ARG J 99 -3.54 28.75 16.89
CA ARG J 99 -4.90 28.89 16.41
C ARG J 99 -5.26 27.75 15.46
N LEU J 100 -4.28 27.27 14.70
CA LEU J 100 -4.50 26.16 13.79
C LEU J 100 -4.55 24.80 14.51
N LEU J 101 -3.67 24.60 15.48
CA LEU J 101 -3.54 23.30 16.14
C LEU J 101 -4.57 23.02 17.22
N LEU J 102 -4.97 24.02 17.97
CA LEU J 102 -5.91 23.75 19.05
C LEU J 102 -7.31 24.08 18.58
N PRO J 103 -8.30 23.25 18.91
CA PRO J 103 -9.70 23.40 18.57
C PRO J 103 -10.42 24.43 19.43
N GLY J 104 -11.42 25.05 18.83
CA GLY J 104 -12.44 25.80 19.55
C GLY J 104 -11.90 26.77 20.58
N GLU J 105 -12.49 26.71 21.76
CA GLU J 105 -12.18 27.58 22.86
C GLU J 105 -10.85 27.26 23.52
N LEU J 106 -10.29 26.09 23.26
CA LEU J 106 -9.02 25.76 23.87
C LEU J 106 -7.99 26.71 23.31
N ALA J 107 -8.09 26.94 22.00
CA ALA J 107 -7.21 27.89 21.35
C ALA J 107 -7.42 29.28 21.90
N LYS J 108 -8.68 29.65 22.11
CA LYS J 108 -8.96 31.01 22.56
C LYS J 108 -8.20 31.30 23.84
N HIS J 109 -8.19 30.36 24.77
CA HIS J 109 -7.48 30.57 26.01
C HIS J 109 -5.99 30.52 25.82
N ALA J 110 -5.51 29.58 25.01
CA ALA J 110 -4.08 29.45 24.81
C ALA J 110 -3.50 30.74 24.24
N VAL J 111 -4.24 31.36 23.32
CA VAL J 111 -3.75 32.60 22.74
C VAL J 111 -3.68 33.68 23.79
N SER J 112 -4.71 33.76 24.62
CA SER J 112 -4.74 34.76 25.68
C SER J 112 -3.56 34.61 26.62
N GLU J 113 -3.27 33.38 27.04
CA GLU J 113 -2.16 33.14 27.95
C GLU J 113 -0.84 33.49 27.29
N GLY J 114 -0.74 33.20 26.00
CA GLY J 114 0.45 33.51 25.23
C GLY J 114 0.69 35.00 25.15
N THR J 115 -0.33 35.75 24.74
CA THR J 115 -0.15 37.18 24.56
C THR J 115 0.15 37.85 25.90
N LYS J 116 -0.45 37.34 26.97
CA LYS J 116 -0.20 37.92 28.27
C LYS J 116 1.24 37.74 28.67
N ALA J 117 1.76 36.53 28.52
CA ALA J 117 3.12 36.26 28.91
C ALA J 117 4.10 37.12 28.14
N VAL J 118 3.85 37.29 26.85
CA VAL J 118 4.75 38.07 26.04
C VAL J 118 4.69 39.54 26.40
N THR J 119 3.48 40.05 26.59
CA THR J 119 3.32 41.45 26.90
C THR J 119 4.07 41.80 28.18
N LYS J 120 3.90 40.98 29.21
CA LYS J 120 4.56 41.22 30.48
C LYS J 120 6.06 41.16 30.32
N TYR J 121 6.53 40.13 29.63
CA TYR J 121 7.95 39.96 29.40
C TYR J 121 8.56 41.14 28.68
N THR J 122 7.92 41.56 27.58
CA THR J 122 8.43 42.62 26.75
C THR J 122 8.51 43.95 27.48
N SER J 123 7.44 44.29 28.20
CA SER J 123 7.39 45.54 28.92
C SER J 123 8.28 45.50 30.16
N ALA J 124 8.63 44.28 30.56
CA ALA J 124 9.46 44.06 31.75
C ALA J 124 8.84 44.69 32.99
N LYS J 125 7.56 44.38 33.25
CA LYS J 125 6.80 44.91 34.39
C LYS J 125 6.21 43.77 35.23
N THR K 45 -34.21 0.94 -12.75
CA THR K 45 -33.25 0.82 -13.85
C THR K 45 -32.48 2.13 -14.16
N VAL K 46 -33.11 3.27 -13.90
CA VAL K 46 -32.52 4.58 -14.19
C VAL K 46 -31.29 4.85 -13.33
N ALA K 47 -31.37 4.48 -12.06
CA ALA K 47 -30.26 4.73 -11.17
C ALA K 47 -28.97 4.13 -11.70
N LEU K 48 -29.05 2.94 -12.28
CA LEU K 48 -27.85 2.31 -12.78
C LEU K 48 -27.33 3.05 -13.99
N ARG K 49 -28.23 3.56 -14.82
CA ARG K 49 -27.80 4.32 -15.97
C ARG K 49 -27.11 5.60 -15.53
N GLU K 50 -27.64 6.22 -14.48
CA GLU K 50 -27.06 7.45 -13.98
C GLU K 50 -25.74 7.21 -13.27
N ILE K 51 -25.63 6.12 -12.53
CA ILE K 51 -24.37 5.87 -11.85
C ILE K 51 -23.26 5.73 -12.86
N ARG K 52 -23.50 4.97 -13.92
CA ARG K 52 -22.48 4.81 -14.93
C ARG K 52 -22.17 6.13 -15.62
N ARG K 53 -23.21 6.90 -15.94
CA ARG K 53 -22.99 8.16 -16.66
C ARG K 53 -22.18 9.14 -15.85
N TYR K 54 -22.44 9.23 -14.56
CA TYR K 54 -21.71 10.17 -13.72
C TYR K 54 -20.31 9.70 -13.41
N GLN K 55 -20.12 8.41 -13.20
CA GLN K 55 -18.78 7.94 -12.88
C GLN K 55 -17.83 8.16 -14.03
N LYS K 56 -18.34 8.09 -15.25
CA LYS K 56 -17.50 8.33 -16.42
C LYS K 56 -17.07 9.78 -16.57
N SER K 57 -17.72 10.71 -15.88
CA SER K 57 -17.44 12.13 -16.08
C SER K 57 -16.54 12.71 -15.00
N THR K 58 -16.11 13.95 -15.19
CA THR K 58 -15.22 14.61 -14.24
C THR K 58 -15.71 15.94 -13.71
N GLU K 59 -16.73 16.51 -14.34
CA GLU K 59 -17.17 17.85 -13.97
C GLU K 59 -17.63 17.93 -12.54
N LEU K 60 -17.59 19.13 -11.97
CA LEU K 60 -18.11 19.33 -10.64
C LEU K 60 -19.62 19.22 -10.68
N LEU K 61 -20.19 18.55 -9.70
CA LEU K 61 -21.62 18.29 -9.70
C LEU K 61 -22.46 19.35 -8.99
N ILE K 62 -21.81 20.21 -8.22
CA ILE K 62 -22.54 21.30 -7.56
C ILE K 62 -22.46 22.56 -8.41
N ARG K 63 -23.59 23.20 -8.64
CA ARG K 63 -23.58 24.41 -9.45
C ARG K 63 -22.66 25.44 -8.81
N LYS K 64 -21.84 26.07 -9.62
CA LYS K 64 -20.73 26.88 -9.11
C LYS K 64 -21.18 28.11 -8.33
N LEU K 65 -22.12 28.86 -8.86
CA LEU K 65 -22.53 30.07 -8.17
C LEU K 65 -23.08 29.84 -6.77
N PRO K 66 -24.11 29.02 -6.55
CA PRO K 66 -24.68 28.78 -5.24
C PRO K 66 -23.66 28.18 -4.30
N PHE K 67 -22.69 27.45 -4.85
CA PHE K 67 -21.65 26.95 -3.98
C PHE K 67 -20.85 28.11 -3.45
N GLN K 68 -20.46 29.01 -4.33
CA GLN K 68 -19.66 30.15 -3.89
C GLN K 68 -20.40 30.95 -2.85
N ARG K 69 -21.72 31.06 -2.99
CA ARG K 69 -22.48 31.79 -2.00
C ARG K 69 -22.36 31.15 -0.64
N LEU K 70 -22.40 29.83 -0.60
CA LEU K 70 -22.28 29.12 0.66
C LEU K 70 -20.94 29.41 1.30
N VAL K 71 -19.90 29.44 0.50
CA VAL K 71 -18.59 29.71 1.03
C VAL K 71 -18.54 31.08 1.65
N ARG K 72 -19.07 32.07 0.97
CA ARG K 72 -19.04 33.42 1.48
C ARG K 72 -19.83 33.57 2.77
N GLU K 73 -20.99 32.92 2.85
CA GLU K 73 -21.82 33.01 4.04
C GLU K 73 -21.14 32.38 5.24
N ILE K 74 -20.32 31.37 5.01
CA ILE K 74 -19.54 30.78 6.08
C ILE K 74 -18.35 31.65 6.43
N ALA K 75 -17.66 32.14 5.42
CA ALA K 75 -16.43 32.90 5.61
C ALA K 75 -16.62 34.14 6.46
N GLN K 76 -17.78 34.78 6.36
CA GLN K 76 -18.01 36.04 7.08
C GLN K 76 -17.95 35.88 8.59
N ASP K 77 -18.06 34.65 9.07
CA ASP K 77 -18.04 34.42 10.51
C ASP K 77 -16.64 34.29 11.05
N PHE K 78 -15.65 34.37 10.17
CA PHE K 78 -14.26 34.31 10.60
C PHE K 78 -13.61 35.66 10.45
N LYS K 79 -13.90 36.34 9.35
CA LYS K 79 -13.40 37.67 9.11
C LYS K 79 -14.27 38.38 8.10
N THR K 80 -14.55 39.65 8.34
CA THR K 80 -15.36 40.41 7.41
C THR K 80 -14.52 40.94 6.26
N ASP K 81 -15.19 41.39 5.21
CA ASP K 81 -14.54 41.98 4.06
C ASP K 81 -13.47 41.10 3.45
N LEU K 82 -13.74 39.81 3.33
CA LEU K 82 -12.82 38.90 2.68
C LEU K 82 -13.12 38.77 1.21
N ARG K 83 -12.09 38.61 0.42
CA ARG K 83 -12.24 38.37 -1.00
C ARG K 83 -11.62 37.03 -1.33
N PHE K 84 -12.08 36.39 -2.40
CA PHE K 84 -11.54 35.10 -2.76
C PHE K 84 -11.06 35.06 -4.19
N GLN K 85 -9.92 34.41 -4.41
CA GLN K 85 -9.49 34.19 -5.77
C GLN K 85 -10.47 33.22 -6.40
N SER K 86 -10.77 33.40 -7.67
CA SER K 86 -11.73 32.52 -8.30
C SER K 86 -11.23 31.09 -8.27
N SER K 87 -9.92 30.92 -8.34
CA SER K 87 -9.34 29.60 -8.28
C SER K 87 -9.43 29.03 -6.88
N ALA K 88 -9.47 29.91 -5.88
CA ALA K 88 -9.58 29.44 -4.52
C ALA K 88 -10.94 28.84 -4.29
N VAL K 89 -11.96 29.43 -4.89
CA VAL K 89 -13.30 28.91 -4.74
C VAL K 89 -13.39 27.54 -5.37
N MET K 90 -12.81 27.40 -6.55
CA MET K 90 -12.81 26.11 -7.23
C MET K 90 -12.07 25.08 -6.40
N ALA K 91 -10.93 25.46 -5.83
CA ALA K 91 -10.17 24.52 -5.03
C ALA K 91 -11.00 24.04 -3.87
N LEU K 92 -11.72 24.95 -3.26
CA LEU K 92 -12.55 24.60 -2.13
C LEU K 92 -13.74 23.76 -2.58
N GLN K 93 -14.35 24.12 -3.70
CA GLN K 93 -15.48 23.35 -4.15
C GLN K 93 -15.11 21.92 -4.47
N GLU K 94 -13.97 21.76 -5.14
CA GLU K 94 -13.47 20.45 -5.52
C GLU K 94 -13.20 19.58 -4.30
N ALA K 95 -12.59 20.18 -3.28
CA ALA K 95 -12.27 19.45 -2.07
C ALA K 95 -13.54 19.01 -1.40
N SER K 96 -14.53 19.88 -1.43
CA SER K 96 -15.82 19.61 -0.81
C SER K 96 -16.55 18.48 -1.48
N GLU K 97 -16.61 18.48 -2.80
CA GLU K 97 -17.30 17.39 -3.48
C GLU K 97 -16.55 16.10 -3.28
N ALA K 98 -15.24 16.14 -3.37
CA ALA K 98 -14.46 14.93 -3.19
C ALA K 98 -14.73 14.34 -1.81
N TYR K 99 -14.85 15.20 -0.81
CA TYR K 99 -15.16 14.75 0.52
C TYR K 99 -16.50 14.04 0.57
N LEU K 100 -17.52 14.67 0.04
CA LEU K 100 -18.85 14.08 0.09
C LEU K 100 -18.94 12.81 -0.73
N VAL K 101 -18.28 12.77 -1.87
CA VAL K 101 -18.36 11.57 -2.70
C VAL K 101 -17.73 10.41 -1.96
N GLY K 102 -16.56 10.64 -1.38
CA GLY K 102 -15.89 9.59 -0.64
C GLY K 102 -16.78 9.13 0.51
N LEU K 103 -17.45 10.07 1.16
CA LEU K 103 -18.32 9.74 2.26
C LEU K 103 -19.48 8.90 1.77
N PHE K 104 -20.03 9.23 0.62
CA PHE K 104 -21.13 8.44 0.08
C PHE K 104 -20.68 7.04 -0.31
N GLU K 105 -19.43 6.88 -0.75
CA GLU K 105 -18.96 5.55 -1.08
C GLU K 105 -18.94 4.68 0.17
N ASP K 106 -18.48 5.25 1.27
CA ASP K 106 -18.41 4.52 2.53
C ASP K 106 -19.79 4.33 3.11
N THR K 107 -20.65 5.31 2.93
CA THR K 107 -21.99 5.21 3.45
C THR K 107 -22.72 4.10 2.75
N ASN K 108 -22.53 4.01 1.44
CA ASN K 108 -23.16 2.96 0.67
C ASN K 108 -22.78 1.59 1.19
N LEU K 109 -21.52 1.42 1.57
CA LEU K 109 -21.11 0.13 2.10
C LEU K 109 -21.85 -0.17 3.37
N ALA K 110 -22.00 0.83 4.22
CA ALA K 110 -22.72 0.62 5.47
C ALA K 110 -24.16 0.22 5.19
N ALA K 111 -24.76 0.81 4.17
CA ALA K 111 -26.14 0.50 3.87
C ALA K 111 -26.30 -0.94 3.42
N ILE K 112 -25.41 -1.41 2.54
CA ILE K 112 -25.55 -2.79 2.07
C ILE K 112 -25.16 -3.76 3.16
N HIS K 113 -24.29 -3.32 4.06
CA HIS K 113 -23.92 -4.13 5.22
C HIS K 113 -25.15 -4.43 6.06
N ALA K 114 -26.02 -3.44 6.19
CA ALA K 114 -27.25 -3.58 6.96
C ALA K 114 -28.32 -4.28 6.17
N LYS K 115 -27.98 -4.76 4.98
CA LYS K 115 -28.88 -5.47 4.10
C LYS K 115 -30.01 -4.59 3.61
N ARG K 116 -29.68 -3.34 3.32
CA ARG K 116 -30.64 -2.43 2.70
C ARG K 116 -29.96 -1.78 1.52
N VAL K 117 -30.73 -1.17 0.65
CA VAL K 117 -30.18 -0.50 -0.49
C VAL K 117 -30.20 1.00 -0.30
N THR K 118 -31.28 1.48 0.28
CA THR K 118 -31.49 2.91 0.44
C THR K 118 -30.57 3.47 1.49
N ILE K 119 -29.99 4.63 1.23
CA ILE K 119 -29.16 5.28 2.21
C ILE K 119 -30.00 5.99 3.25
N MET K 120 -29.79 5.67 4.52
CA MET K 120 -30.52 6.27 5.62
C MET K 120 -29.61 7.22 6.40
N PRO K 121 -30.16 8.20 7.13
CA PRO K 121 -29.46 9.05 8.07
C PRO K 121 -28.61 8.21 9.02
N LYS K 122 -29.11 7.04 9.38
CA LYS K 122 -28.35 6.18 10.27
C LYS K 122 -27.08 5.70 9.61
N ASP K 123 -27.09 5.51 8.30
CA ASP K 123 -25.95 4.92 7.63
C ASP K 123 -24.85 5.94 7.50
N ILE K 124 -25.21 7.18 7.24
CA ILE K 124 -24.19 8.20 7.10
C ILE K 124 -23.57 8.50 8.45
N GLN K 125 -24.35 8.43 9.52
CA GLN K 125 -23.79 8.68 10.82
C GLN K 125 -22.78 7.61 11.20
N LEU K 126 -23.07 6.36 10.88
CA LEU K 126 -22.12 5.31 11.19
C LEU K 126 -20.84 5.47 10.42
N ALA K 127 -20.95 5.65 9.11
CA ALA K 127 -19.77 5.75 8.28
C ALA K 127 -18.96 6.95 8.69
N ARG K 128 -19.65 8.01 9.05
CA ARG K 128 -19.00 9.22 9.44
C ARG K 128 -18.25 9.04 10.75
N ARG K 129 -18.82 8.30 11.70
CA ARG K 129 -18.15 8.11 12.96
C ARG K 129 -16.89 7.29 12.84
N ILE K 130 -16.96 6.19 12.11
CA ILE K 130 -15.79 5.34 12.00
C ILE K 130 -14.67 6.09 11.30
N ARG K 131 -15.00 6.75 10.21
CA ARG K 131 -14.04 7.56 9.50
C ARG K 131 -13.57 8.75 10.32
N GLY K 132 -14.52 9.40 10.99
CA GLY K 132 -14.27 10.64 11.73
C GLY K 132 -13.26 10.46 12.84
N GLU K 133 -13.24 9.28 13.44
CA GLU K 133 -12.33 9.00 14.54
C GLU K 133 -10.94 8.49 14.13
N ARG K 134 -10.69 8.32 12.81
CA ARG K 134 -9.40 7.82 12.31
C ARG K 134 -8.41 8.96 12.10
N ASN L 25 -29.59 29.93 3.98
CA ASN L 25 -28.66 30.16 2.87
C ASN L 25 -28.03 28.86 2.29
N ILE L 26 -27.93 27.81 3.12
CA ILE L 26 -27.36 26.51 2.74
C ILE L 26 -28.20 25.79 1.70
N GLN L 27 -29.44 26.22 1.53
CA GLN L 27 -30.34 25.61 0.56
C GLN L 27 -29.81 25.80 -0.86
N GLY L 28 -28.73 26.56 -1.01
CA GLY L 28 -28.09 26.73 -2.30
C GLY L 28 -27.63 25.38 -2.86
N ILE L 29 -27.45 24.40 -1.98
CA ILE L 29 -27.10 23.06 -2.43
C ILE L 29 -28.40 22.30 -2.61
N THR L 30 -28.78 22.13 -3.85
CA THR L 30 -30.09 21.62 -4.17
C THR L 30 -30.19 20.13 -3.94
N LYS L 31 -31.41 19.63 -3.90
CA LYS L 31 -31.60 18.21 -3.72
C LYS L 31 -30.93 17.41 -4.84
N PRO L 32 -31.18 17.71 -6.12
CA PRO L 32 -30.50 17.12 -7.26
C PRO L 32 -28.98 17.17 -7.15
N ALA L 33 -28.43 18.25 -6.61
CA ALA L 33 -26.99 18.32 -6.47
C ALA L 33 -26.49 17.22 -5.55
N ILE L 34 -27.23 16.99 -4.47
CA ILE L 34 -26.83 15.93 -3.56
C ILE L 34 -27.01 14.60 -4.24
N ARG L 35 -28.13 14.41 -4.91
CA ARG L 35 -28.33 13.16 -5.59
C ARG L 35 -27.18 12.87 -6.54
N ARG L 36 -26.77 13.86 -7.30
CA ARG L 36 -25.69 13.64 -8.25
C ARG L 36 -24.42 13.20 -7.55
N LEU L 37 -24.12 13.80 -6.41
CA LEU L 37 -22.92 13.39 -5.69
C LEU L 37 -23.06 11.95 -5.23
N ALA L 38 -24.24 11.61 -4.75
CA ALA L 38 -24.50 10.26 -4.29
C ALA L 38 -24.39 9.26 -5.43
N ARG L 39 -24.80 9.66 -6.63
CA ARG L 39 -24.73 8.74 -7.76
C ARG L 39 -23.29 8.45 -8.11
N ARG L 40 -22.45 9.47 -8.09
CA ARG L 40 -21.04 9.24 -8.39
C ARG L 40 -20.47 8.25 -7.39
N GLY L 41 -20.94 8.34 -6.15
CA GLY L 41 -20.50 7.45 -5.10
C GLY L 41 -21.06 6.02 -5.23
N GLY L 42 -21.95 5.81 -6.20
CA GLY L 42 -22.51 4.49 -6.45
C GLY L 42 -23.79 4.18 -5.66
N VAL L 43 -24.50 5.20 -5.22
CA VAL L 43 -25.73 4.98 -4.48
C VAL L 43 -26.91 4.71 -5.40
N LYS L 44 -27.64 3.62 -5.15
CA LYS L 44 -28.80 3.29 -5.96
C LYS L 44 -30.07 3.97 -5.49
N ARG L 45 -30.28 4.02 -4.19
CA ARG L 45 -31.48 4.64 -3.62
C ARG L 45 -31.14 5.60 -2.50
N ILE L 46 -31.87 6.69 -2.43
CA ILE L 46 -31.61 7.72 -1.43
C ILE L 46 -32.84 8.02 -0.60
N SER L 47 -32.71 7.92 0.71
CA SER L 47 -33.84 8.32 1.55
C SER L 47 -33.96 9.82 1.55
N GLY L 48 -35.17 10.31 1.46
CA GLY L 48 -35.43 11.74 1.43
C GLY L 48 -34.94 12.47 2.67
N LEU L 49 -34.64 11.74 3.73
CA LEU L 49 -34.18 12.37 4.95
C LEU L 49 -32.69 12.64 4.91
N ILE L 50 -31.99 12.07 3.94
CA ILE L 50 -30.55 12.20 3.90
C ILE L 50 -30.14 13.59 3.48
N TYR L 51 -31.00 14.25 2.71
CA TYR L 51 -30.64 15.54 2.16
C TYR L 51 -30.39 16.54 3.25
N GLU L 52 -31.19 16.51 4.30
CA GLU L 52 -31.02 17.46 5.37
C GLU L 52 -29.74 17.16 6.14
N GLU L 53 -29.48 15.87 6.33
CA GLU L 53 -28.29 15.45 7.04
C GLU L 53 -27.03 15.74 6.24
N THR L 54 -27.11 15.54 4.93
CA THR L 54 -25.97 15.76 4.07
C THR L 54 -25.54 17.20 4.11
N ARG L 55 -26.51 18.10 4.06
CA ARG L 55 -26.19 19.52 4.12
C ARG L 55 -25.49 19.84 5.42
N GLY L 56 -25.96 19.24 6.51
CA GLY L 56 -25.34 19.41 7.81
C GLY L 56 -23.87 18.99 7.77
N VAL L 57 -23.61 17.82 7.20
CA VAL L 57 -22.25 17.32 7.12
C VAL L 57 -21.38 18.26 6.28
N LEU L 58 -21.90 18.70 5.15
CA LEU L 58 -21.14 19.60 4.32
C LEU L 58 -20.84 20.88 5.06
N LYS L 59 -21.82 21.44 5.72
CA LYS L 59 -21.63 22.70 6.43
C LYS L 59 -20.43 22.57 7.36
N VAL L 60 -20.38 21.48 8.11
CA VAL L 60 -19.28 21.30 9.05
C VAL L 60 -17.94 21.21 8.34
N PHE L 61 -17.89 20.45 7.26
CA PHE L 61 -16.65 20.31 6.54
C PHE L 61 -16.12 21.65 6.09
N LEU L 62 -16.98 22.45 5.46
CA LEU L 62 -16.53 23.74 4.96
C LEU L 62 -16.11 24.64 6.09
N GLU L 63 -16.82 24.61 7.20
CA GLU L 63 -16.44 25.47 8.29
C GLU L 63 -15.03 25.18 8.73
N ASN L 64 -14.67 23.89 8.78
CA ASN L 64 -13.33 23.52 9.22
C ASN L 64 -12.26 23.95 8.23
N VAL L 65 -12.51 23.77 6.95
CA VAL L 65 -11.51 24.12 5.96
C VAL L 65 -11.35 25.62 5.86
N ILE L 66 -12.47 26.33 5.84
CA ILE L 66 -12.43 27.77 5.71
C ILE L 66 -11.76 28.38 6.92
N ARG L 67 -12.12 27.93 8.12
CA ARG L 67 -11.49 28.48 9.31
C ARG L 67 -9.99 28.49 9.16
N ASP L 68 -9.44 27.36 8.72
CA ASP L 68 -7.99 27.29 8.57
C ASP L 68 -7.52 28.19 7.44
N ALA L 69 -8.24 28.21 6.33
CA ALA L 69 -7.83 29.02 5.18
C ALA L 69 -7.82 30.49 5.54
N VAL L 70 -8.80 30.94 6.29
CA VAL L 70 -8.85 32.33 6.67
C VAL L 70 -7.69 32.63 7.58
N THR L 71 -7.40 31.74 8.51
CA THR L 71 -6.29 31.95 9.43
C THR L 71 -5.00 32.17 8.68
N TYR L 72 -4.74 31.38 7.65
CA TYR L 72 -3.53 31.58 6.86
C TYR L 72 -3.53 32.96 6.23
N THR L 73 -4.68 33.37 5.70
CA THR L 73 -4.81 34.67 5.07
C THR L 73 -4.52 35.78 6.06
N GLU L 74 -5.10 35.69 7.25
CA GLU L 74 -4.88 36.72 8.25
C GLU L 74 -3.42 36.79 8.63
N HIS L 75 -2.78 35.63 8.75
CA HIS L 75 -1.39 35.58 9.12
C HIS L 75 -0.53 36.40 8.18
N ALA L 76 -0.81 36.26 6.89
CA ALA L 76 -0.04 36.92 5.85
C ALA L 76 -0.42 38.39 5.70
N LYS L 77 -1.37 38.85 6.51
CA LYS L 77 -1.85 40.22 6.44
C LYS L 77 -2.43 40.53 5.07
N ARG L 78 -3.16 39.59 4.52
CA ARG L 78 -3.82 39.79 3.24
C ARG L 78 -5.31 39.81 3.48
N LYS L 79 -6.08 40.35 2.55
CA LYS L 79 -7.51 40.36 2.72
C LYS L 79 -8.16 39.43 1.71
N THR L 80 -7.31 38.76 0.95
CA THR L 80 -7.76 37.85 -0.09
C THR L 80 -7.35 36.43 0.25
N VAL L 81 -8.30 35.52 0.19
CA VAL L 81 -7.99 34.14 0.41
C VAL L 81 -7.53 33.55 -0.90
N THR L 82 -6.30 33.09 -0.96
CA THR L 82 -5.76 32.61 -2.22
C THR L 82 -5.92 31.12 -2.34
N ALA L 83 -5.73 30.60 -3.54
CA ALA L 83 -5.88 29.17 -3.74
C ALA L 83 -4.92 28.43 -2.84
N MET L 84 -3.74 28.99 -2.64
CA MET L 84 -2.73 28.36 -1.80
C MET L 84 -3.14 28.26 -0.35
N ASP L 85 -4.03 29.14 0.08
CA ASP L 85 -4.44 29.13 1.47
C ASP L 85 -5.45 28.04 1.66
N VAL L 86 -6.24 27.78 0.63
CA VAL L 86 -7.18 26.68 0.69
C VAL L 86 -6.40 25.38 0.67
N VAL L 87 -5.39 25.30 -0.19
CA VAL L 87 -4.60 24.09 -0.28
C VAL L 87 -3.90 23.76 1.03
N TYR L 88 -3.28 24.75 1.65
CA TYR L 88 -2.61 24.47 2.91
C TYR L 88 -3.61 24.07 3.96
N ALA L 89 -4.75 24.73 3.97
CA ALA L 89 -5.78 24.41 4.94
C ALA L 89 -6.16 22.95 4.83
N LEU L 90 -6.20 22.46 3.61
CA LEU L 90 -6.56 21.08 3.39
C LEU L 90 -5.42 20.11 3.66
N LYS L 91 -4.18 20.51 3.38
CA LYS L 91 -3.08 19.59 3.66
C LYS L 91 -3.09 19.22 5.13
N ARG L 92 -3.41 20.18 5.99
CA ARG L 92 -3.40 19.94 7.42
C ARG L 92 -4.49 19.00 7.88
N GLN L 93 -5.48 18.75 7.04
CA GLN L 93 -6.56 17.87 7.43
C GLN L 93 -6.41 16.52 6.78
N GLY L 94 -5.28 16.30 6.14
CA GLY L 94 -5.00 15.02 5.52
C GLY L 94 -5.72 14.86 4.19
N ARG L 95 -5.99 15.97 3.51
CA ARG L 95 -6.64 15.89 2.22
C ARG L 95 -5.90 16.77 1.23
N THR L 96 -4.89 16.23 0.61
CA THR L 96 -4.04 17.03 -0.26
C THR L 96 -4.67 17.18 -1.63
N LEU L 97 -4.68 18.41 -2.14
CA LEU L 97 -5.15 18.61 -3.50
C LEU L 97 -3.98 18.77 -4.43
N TYR L 98 -4.10 18.22 -5.62
CA TYR L 98 -3.12 18.47 -6.66
C TYR L 98 -3.71 19.39 -7.72
N GLY L 99 -2.86 20.19 -8.35
CA GLY L 99 -3.28 20.98 -9.50
C GLY L 99 -3.51 22.45 -9.22
N PHE L 100 -3.31 22.87 -7.98
CA PHE L 100 -3.50 24.27 -7.64
C PHE L 100 -2.19 24.94 -7.30
N GLY L 101 -1.10 24.33 -7.70
CA GLY L 101 0.23 24.90 -7.49
C GLY L 101 0.85 24.62 -6.11
N GLY L 102 0.32 23.65 -5.36
CA GLY L 102 0.80 23.30 -4.02
C GLY L 102 1.36 21.89 -3.96
#